data_2PBY
#
_entry.id   2PBY
#
_cell.length_a   72.503
_cell.length_b   86.786
_cell.length_c   106.881
_cell.angle_alpha   90.00
_cell.angle_beta   109.76
_cell.angle_gamma   90.00
#
_symmetry.space_group_name_H-M   'P 1 21 1'
#
loop_
_entity.id
_entity.type
_entity.pdbx_description
1 polymer Glutaminase
2 water water
#
_entity_poly.entity_id   1
_entity_poly.type   'polypeptide(L)'
_entity_poly.pdbx_seq_one_letter_code
;MLVYNQEELVRFVEEAKQYARYGKVADYIPALGKANPNELSIAIYTPDDEVVSAGDVTVKVTLQSISKIIALALVLIDRG
EDEVFHKVGMEPTDYPFHSIAKLEEKPAKPLNPMINAGALVVTSMIQGGSVSERLERLLAFVRRLAGNERISYSDEVARS
EFETAFLNRSLCYFLKQHRIIDEDVEELMELYTKQCAIEMTCIDLARIGLVLALDGRDPHSSEPLMPLDVARICKTFMVT
CGMYNSSGEFAIKVGIPAKSGVSGGILAAVPGRCGIGVFGPALDDKGNSLTGVKLLERLSKTYSLSIF
;
_entity_poly.pdbx_strand_id   A,B,C,D
#
# COMPACT_ATOMS: atom_id res chain seq x y z
N LEU A 2 44.83 -15.69 -15.82
CA LEU A 2 43.56 -16.21 -16.45
C LEU A 2 43.04 -15.28 -17.52
N VAL A 3 43.40 -15.56 -18.77
CA VAL A 3 42.76 -14.83 -19.85
C VAL A 3 41.50 -15.61 -20.24
N TYR A 4 40.63 -14.97 -21.02
CA TYR A 4 39.35 -15.58 -21.39
C TYR A 4 39.51 -16.39 -22.69
N ASN A 5 39.62 -17.72 -22.56
CA ASN A 5 39.90 -18.56 -23.71
C ASN A 5 38.60 -18.68 -24.57
N GLN A 6 38.72 -18.42 -25.88
CA GLN A 6 37.52 -18.43 -26.74
C GLN A 6 36.85 -19.78 -26.72
N GLU A 7 37.69 -20.83 -26.73
CA GLU A 7 37.20 -22.17 -26.82
C GLU A 7 36.50 -22.50 -25.51
N GLU A 8 37.04 -21.99 -24.41
CA GLU A 8 36.32 -22.07 -23.13
C GLU A 8 34.96 -21.39 -23.15
N LEU A 9 34.89 -20.17 -23.67
CA LEU A 9 33.59 -19.50 -23.87
C LEU A 9 32.58 -20.32 -24.63
N VAL A 10 33.03 -20.95 -25.72
CA VAL A 10 32.15 -21.77 -26.55
C VAL A 10 31.51 -22.89 -25.69
N ARG A 11 32.30 -23.47 -24.81
CA ARG A 11 31.81 -24.58 -23.99
C ARG A 11 30.74 -24.08 -23.00
N PHE A 12 30.98 -22.94 -22.38
CA PHE A 12 29.98 -22.35 -21.47
C PHE A 12 28.68 -22.05 -22.19
N VAL A 13 28.80 -21.53 -23.40
CA VAL A 13 27.64 -21.22 -24.22
C VAL A 13 26.86 -22.48 -24.48
N GLU A 14 27.51 -23.57 -24.85
CA GLU A 14 26.81 -24.83 -25.14
C GLU A 14 26.10 -25.36 -23.91
N GLU A 15 26.76 -25.30 -22.76
CA GLU A 15 26.12 -25.74 -21.51
C GLU A 15 24.88 -24.88 -21.20
N ALA A 16 25.02 -23.56 -21.35
CA ALA A 16 23.93 -22.65 -20.93
C ALA A 16 22.72 -22.77 -21.84
N LYS A 17 22.98 -22.99 -23.12
CA LYS A 17 21.93 -23.23 -24.12
C LYS A 17 20.98 -24.42 -23.76
N GLN A 18 21.46 -25.41 -23.02
CA GLN A 18 20.58 -26.52 -22.54
C GLN A 18 19.45 -26.08 -21.61
N TYR A 19 19.55 -24.86 -21.09
CA TYR A 19 18.48 -24.31 -20.27
C TYR A 19 17.39 -23.61 -21.08
N ALA A 20 17.65 -23.34 -22.35
CA ALA A 20 16.69 -22.58 -23.22
C ALA A 20 15.28 -23.15 -23.22
N ARG A 21 15.16 -24.47 -23.08
CA ARG A 21 13.85 -25.15 -22.98
C ARG A 21 12.99 -24.72 -21.79
N TYR A 22 13.63 -24.32 -20.72
CA TYR A 22 12.91 -23.98 -19.52
C TYR A 22 12.49 -22.50 -19.47
N GLY A 23 13.02 -21.70 -20.39
CA GLY A 23 12.73 -20.23 -20.46
C GLY A 23 11.70 -19.93 -21.52
N LYS A 24 11.32 -18.67 -21.67
CA LYS A 24 10.32 -18.25 -22.69
C LYS A 24 10.67 -16.85 -23.13
N VAL A 25 10.62 -16.56 -24.42
CA VAL A 25 10.84 -15.17 -24.84
C VAL A 25 9.72 -14.24 -24.36
N ALA A 26 10.03 -12.95 -24.19
CA ALA A 26 9.03 -11.94 -23.90
C ALA A 26 7.96 -11.94 -24.98
N ASP A 27 6.71 -12.01 -24.57
CA ASP A 27 5.63 -12.04 -25.54
C ASP A 27 4.59 -10.93 -25.30
N TYR A 28 4.85 -10.02 -24.38
CA TYR A 28 3.92 -8.92 -24.21
C TYR A 28 4.18 -7.80 -25.25
N ILE A 29 5.38 -7.80 -25.84
CA ILE A 29 5.72 -6.92 -27.00
C ILE A 29 5.86 -7.86 -28.19
N PRO A 30 4.83 -7.89 -29.06
CA PRO A 30 4.74 -8.78 -30.20
C PRO A 30 6.04 -9.02 -30.99
N ALA A 31 6.77 -7.96 -31.33
CA ALA A 31 8.01 -8.10 -32.08
C ALA A 31 9.12 -8.87 -31.31
N LEU A 32 9.10 -8.84 -29.98
CA LEU A 32 10.10 -9.59 -29.21
C LEU A 32 9.70 -11.08 -29.17
N GLY A 33 8.42 -11.38 -29.37
CA GLY A 33 7.89 -12.75 -29.34
C GLY A 33 8.40 -13.58 -30.49
N LYS A 34 8.96 -12.91 -31.49
CA LYS A 34 9.58 -13.57 -32.67
C LYS A 34 11.06 -13.90 -32.47
N ALA A 35 11.61 -13.61 -31.30
CA ALA A 35 13.01 -13.95 -30.99
C ALA A 35 13.18 -15.47 -30.87
N ASN A 36 14.39 -15.94 -31.07
CA ASN A 36 14.69 -17.38 -30.97
C ASN A 36 15.18 -17.74 -29.56
N PRO A 37 14.39 -18.53 -28.78
CA PRO A 37 14.83 -18.84 -27.40
C PRO A 37 16.14 -19.64 -27.31
N ASN A 38 16.54 -20.26 -28.44
CA ASN A 38 17.79 -21.04 -28.53
C ASN A 38 19.04 -20.21 -28.84
N GLU A 39 18.87 -18.92 -29.13
CA GLU A 39 20.06 -18.07 -29.35
C GLU A 39 20.67 -17.69 -28.03
N LEU A 40 22.00 -17.62 -28.01
CA LEU A 40 22.77 -17.14 -26.87
C LEU A 40 24.10 -16.64 -27.43
N SER A 41 24.51 -15.45 -27.03
CA SER A 41 25.82 -14.96 -27.44
C SER A 41 26.47 -14.22 -26.31
N ILE A 42 27.79 -14.25 -26.28
CA ILE A 42 28.49 -13.51 -25.23
C ILE A 42 29.74 -12.94 -25.87
N ALA A 43 30.10 -11.74 -25.44
CA ALA A 43 31.40 -11.16 -25.71
C ALA A 43 32.02 -10.67 -24.38
N ILE A 44 33.33 -10.76 -24.26
CA ILE A 44 34.06 -10.20 -23.13
C ILE A 44 35.15 -9.31 -23.67
N TYR A 45 35.14 -8.06 -23.24
CA TYR A 45 36.06 -7.06 -23.70
C TYR A 45 37.02 -6.74 -22.57
N THR A 46 38.33 -6.78 -22.85
CA THR A 46 39.28 -6.58 -21.79
C THR A 46 40.03 -5.27 -22.04
N PRO A 47 40.70 -4.74 -21.02
CA PRO A 47 41.40 -3.44 -21.10
C PRO A 47 42.60 -3.38 -22.03
N ASP A 48 43.07 -4.53 -22.52
CA ASP A 48 44.04 -4.51 -23.62
C ASP A 48 43.35 -4.13 -24.94
N ASP A 49 42.04 -3.91 -24.88
CA ASP A 49 41.21 -3.51 -26.01
C ASP A 49 41.02 -4.66 -26.99
N GLU A 50 40.95 -5.88 -26.43
CA GLU A 50 40.68 -7.08 -27.22
C GLU A 50 39.34 -7.62 -26.78
N VAL A 51 38.72 -8.39 -27.63
CA VAL A 51 37.46 -8.96 -27.29
C VAL A 51 37.46 -10.44 -27.64
N VAL A 52 36.80 -11.24 -26.80
CA VAL A 52 36.57 -12.64 -27.14
C VAL A 52 35.04 -12.87 -27.09
N SER A 53 34.54 -13.69 -28.00
CA SER A 53 33.13 -13.91 -28.12
C SER A 53 32.79 -15.33 -28.60
N ALA A 54 31.57 -15.73 -28.33
CA ALA A 54 31.07 -17.04 -28.72
C ALA A 54 29.57 -17.05 -28.81
N GLY A 55 29.07 -18.05 -29.51
CA GLY A 55 27.64 -18.23 -29.77
C GLY A 55 27.15 -17.40 -30.96
N ASP A 56 25.88 -17.00 -30.88
CA ASP A 56 25.20 -16.26 -31.97
C ASP A 56 25.51 -14.77 -32.04
N VAL A 57 26.79 -14.45 -32.26
CA VAL A 57 27.33 -13.08 -32.09
C VAL A 57 27.02 -12.09 -33.21
N THR A 58 26.39 -12.56 -34.30
CA THR A 58 26.02 -11.67 -35.42
C THR A 58 24.61 -11.04 -35.17
N VAL A 59 23.84 -11.63 -34.24
CA VAL A 59 22.47 -11.21 -34.05
C VAL A 59 22.44 -9.88 -33.28
N LYS A 60 21.78 -8.90 -33.87
CA LYS A 60 21.61 -7.62 -33.24
C LYS A 60 20.37 -7.73 -32.39
N VAL A 61 20.48 -7.33 -31.12
CA VAL A 61 19.38 -7.41 -30.16
C VAL A 61 19.11 -5.98 -29.54
N THR A 62 17.82 -5.68 -29.27
CA THR A 62 17.44 -4.41 -28.66
C THR A 62 17.90 -4.36 -27.16
N LEU A 63 18.26 -3.15 -26.73
CA LEU A 63 18.70 -2.97 -25.37
C LEU A 63 17.57 -3.14 -24.36
N GLN A 64 16.37 -2.67 -24.68
CA GLN A 64 15.31 -2.61 -23.72
C GLN A 64 15.77 -1.88 -22.45
N SER A 65 15.58 -2.44 -21.26
CA SER A 65 15.89 -1.68 -20.07
C SER A 65 17.37 -1.42 -19.87
N ILE A 66 18.23 -2.13 -20.59
CA ILE A 66 19.64 -1.75 -20.56
C ILE A 66 19.86 -0.25 -20.96
N SER A 67 19.00 0.26 -21.84
CA SER A 67 19.16 1.64 -22.27
C SER A 67 18.93 2.64 -21.09
N LYS A 68 18.26 2.21 -20.04
CA LYS A 68 18.06 3.12 -18.87
C LYS A 68 19.37 3.51 -18.27
N ILE A 69 20.37 2.62 -18.31
CA ILE A 69 21.71 2.97 -17.78
C ILE A 69 22.44 3.98 -18.65
N ILE A 70 22.34 3.85 -19.96
CA ILE A 70 22.98 4.84 -20.85
C ILE A 70 22.33 6.24 -20.79
N ALA A 71 20.99 6.28 -20.75
CA ALA A 71 20.24 7.54 -20.64
C ALA A 71 20.53 8.20 -19.32
N LEU A 72 20.59 7.43 -18.25
CA LEU A 72 21.05 8.00 -16.95
C LEU A 72 22.43 8.66 -17.00
N ALA A 73 23.38 7.94 -17.54
CA ALA A 73 24.71 8.49 -17.74
C ALA A 73 24.73 9.77 -18.60
N LEU A 74 24.00 9.79 -19.73
CA LEU A 74 23.91 11.00 -20.56
C LEU A 74 23.20 12.10 -19.80
N VAL A 75 22.02 11.80 -19.12
CA VAL A 75 21.44 12.90 -18.32
C VAL A 75 22.42 13.46 -17.29
N LEU A 76 23.12 12.56 -16.49
CA LEU A 76 24.11 13.01 -15.50
C LEU A 76 25.21 13.94 -16.06
N ILE A 77 25.80 13.59 -17.20
CA ILE A 77 26.72 14.47 -17.91
C ILE A 77 26.16 15.88 -18.18
N ASP A 78 25.02 15.95 -18.87
CA ASP A 78 24.36 17.22 -19.28
C ASP A 78 23.79 18.07 -18.14
N ARG A 79 23.24 17.40 -17.12
CA ARG A 79 22.63 18.11 -16.00
C ARG A 79 23.37 18.10 -14.70
N GLY A 80 24.26 17.14 -14.51
CA GLY A 80 24.99 17.05 -13.23
C GLY A 80 24.23 16.25 -12.19
N GLU A 81 24.96 15.73 -11.20
CA GLU A 81 24.38 14.87 -10.16
C GLU A 81 23.36 15.55 -9.27
N ASP A 82 23.58 16.83 -8.98
CA ASP A 82 22.70 17.60 -8.08
C ASP A 82 21.29 17.65 -8.66
N GLU A 83 21.17 18.12 -9.89
CA GLU A 83 19.86 18.19 -10.50
C GLU A 83 19.21 16.82 -10.72
N VAL A 84 19.96 15.83 -11.22
CA VAL A 84 19.36 14.51 -11.48
C VAL A 84 18.77 13.92 -10.19
N PHE A 85 19.50 14.00 -9.10
CA PHE A 85 19.06 13.37 -7.89
C PHE A 85 18.05 14.18 -7.07
N HIS A 86 17.72 15.37 -7.57
CA HIS A 86 16.51 16.07 -7.13
C HIS A 86 15.28 15.51 -7.82
N LYS A 87 15.42 14.99 -9.04
CA LYS A 87 14.25 14.44 -9.80
C LYS A 87 14.01 12.92 -9.63
N VAL A 88 15.08 12.12 -9.47
CA VAL A 88 14.97 10.67 -9.27
C VAL A 88 15.76 10.28 -8.03
N GLY A 89 15.56 9.08 -7.53
CA GLY A 89 16.20 8.67 -6.28
C GLY A 89 17.47 7.87 -6.47
N MET A 90 18.15 7.68 -5.33
CA MET A 90 19.33 6.81 -5.21
C MET A 90 19.03 5.40 -4.66
N GLU A 91 17.85 5.20 -4.10
CA GLU A 91 17.55 4.00 -3.35
C GLU A 91 16.86 2.92 -4.18
N PRO A 92 17.23 1.63 -4.00
CA PRO A 92 16.48 0.57 -4.70
C PRO A 92 15.00 0.62 -4.36
N LYS A 109 9.33 9.74 -1.61
CA LYS A 109 10.74 9.84 -2.04
C LYS A 109 10.88 9.63 -3.56
N PRO A 110 11.86 10.33 -4.20
CA PRO A 110 11.98 10.20 -5.67
C PRO A 110 12.01 8.75 -6.26
N LEU A 111 11.59 8.64 -7.50
CA LEU A 111 11.52 7.37 -8.17
C LEU A 111 12.91 6.89 -8.54
N ASN A 112 13.19 5.62 -8.33
CA ASN A 112 14.43 5.04 -8.79
C ASN A 112 14.59 5.10 -10.35
N PRO A 113 15.74 5.54 -10.89
CA PRO A 113 15.84 5.64 -12.38
C PRO A 113 15.91 4.31 -13.13
N MET A 114 16.01 3.20 -12.41
CA MET A 114 16.02 1.86 -13.01
C MET A 114 14.62 1.26 -13.15
N ILE A 115 13.66 1.73 -12.35
CA ILE A 115 12.28 1.32 -12.52
C ILE A 115 11.63 2.11 -13.66
N ASN A 116 10.58 1.59 -14.28
CA ASN A 116 9.96 2.29 -15.42
C ASN A 116 9.54 3.72 -15.10
N ALA A 117 8.91 3.96 -13.96
CA ALA A 117 8.46 5.33 -13.73
C ALA A 117 9.64 6.29 -13.65
N GLY A 118 10.73 5.89 -13.00
CA GLY A 118 11.93 6.76 -12.83
C GLY A 118 12.67 6.95 -14.16
N ALA A 119 12.72 5.89 -14.97
CA ALA A 119 13.42 5.91 -16.27
C ALA A 119 12.75 6.89 -17.20
N LEU A 120 11.44 6.99 -17.12
CA LEU A 120 10.70 7.90 -18.00
C LEU A 120 11.05 9.32 -17.60
N VAL A 121 11.19 9.59 -16.31
CA VAL A 121 11.62 10.93 -15.87
C VAL A 121 13.01 11.22 -16.40
N VAL A 122 13.90 10.22 -16.38
CA VAL A 122 15.28 10.42 -16.85
C VAL A 122 15.21 10.70 -18.38
N THR A 123 14.40 9.91 -19.09
CA THR A 123 14.27 10.11 -20.56
C THR A 123 13.71 11.50 -20.91
N SER A 124 12.75 12.02 -20.14
CA SER A 124 12.18 13.36 -20.34
C SER A 124 13.19 14.48 -20.11
N MET A 125 14.31 14.14 -19.49
CA MET A 125 15.36 15.12 -19.17
C MET A 125 16.42 15.17 -20.25
N ILE A 126 16.40 14.21 -21.17
CA ILE A 126 17.40 14.23 -22.26
C ILE A 126 17.24 15.52 -23.10
N GLN A 127 18.36 16.20 -23.30
CA GLN A 127 18.43 17.53 -23.94
C GLN A 127 18.16 17.46 -25.45
N GLY A 128 17.37 18.41 -25.94
CA GLY A 128 17.14 18.53 -27.39
C GLY A 128 15.76 19.08 -27.66
N GLY A 129 15.53 19.57 -28.86
CA GLY A 129 14.31 20.31 -29.09
C GLY A 129 13.21 19.49 -29.72
N SER A 130 13.47 18.23 -30.06
CA SER A 130 12.43 17.41 -30.64
C SER A 130 12.78 15.98 -30.36
N VAL A 131 11.83 15.08 -30.60
CA VAL A 131 12.11 13.62 -30.43
C VAL A 131 13.35 13.18 -31.18
N SER A 132 13.48 13.55 -32.46
CA SER A 132 14.63 13.10 -33.24
C SER A 132 15.96 13.68 -32.80
N GLU A 133 15.97 14.90 -32.30
CA GLU A 133 17.23 15.50 -31.82
C GLU A 133 17.63 14.91 -30.49
N ARG A 134 16.65 14.66 -29.61
CA ARG A 134 16.93 14.02 -28.31
C ARG A 134 17.44 12.59 -28.50
N LEU A 135 16.77 11.86 -29.39
CA LEU A 135 17.24 10.52 -29.78
C LEU A 135 18.62 10.54 -30.41
N GLU A 136 18.90 11.50 -31.28
CA GLU A 136 20.21 11.59 -31.89
C GLU A 136 21.31 11.86 -30.85
N ARG A 137 21.02 12.64 -29.82
CA ARG A 137 21.98 12.90 -28.76
C ARG A 137 22.30 11.58 -28.04
N LEU A 138 21.29 10.78 -27.77
CA LEU A 138 21.46 9.48 -27.16
C LEU A 138 22.22 8.50 -28.09
N LEU A 139 21.88 8.50 -29.38
CA LEU A 139 22.50 7.55 -30.32
C LEU A 139 23.96 7.90 -30.52
N ALA A 140 24.26 9.20 -30.56
CA ALA A 140 25.66 9.60 -30.73
C ALA A 140 26.50 9.13 -29.54
N PHE A 141 25.97 9.32 -28.34
CA PHE A 141 26.55 8.83 -27.10
C PHE A 141 26.74 7.31 -27.10
N VAL A 142 25.71 6.56 -27.48
CA VAL A 142 25.81 5.10 -27.56
C VAL A 142 26.89 4.65 -28.54
N ARG A 143 26.97 5.33 -29.68
CA ARG A 143 27.93 4.99 -30.72
C ARG A 143 29.37 5.19 -30.19
N ARG A 144 29.60 6.26 -29.46
CA ARG A 144 30.91 6.45 -28.82
C ARG A 144 31.29 5.39 -27.76
N LEU A 145 30.38 5.11 -26.81
CA LEU A 145 30.61 4.04 -25.82
C LEU A 145 30.91 2.70 -26.47
N ALA A 146 30.16 2.36 -27.53
CA ALA A 146 30.24 1.03 -28.18
C ALA A 146 31.34 0.88 -29.24
N GLY A 147 31.94 2.01 -29.61
CA GLY A 147 33.01 2.07 -30.61
C GLY A 147 32.49 1.67 -31.98
N ASN A 148 31.23 2.02 -32.27
CA ASN A 148 30.55 1.60 -33.52
C ASN A 148 29.60 2.68 -33.99
N GLU A 149 30.01 3.43 -35.02
CA GLU A 149 29.20 4.57 -35.57
C GLU A 149 27.90 4.13 -36.26
N ARG A 150 27.80 2.87 -36.59
CA ARG A 150 26.63 2.41 -37.33
C ARG A 150 25.47 1.94 -36.46
N ILE A 151 25.57 2.12 -35.14
CA ILE A 151 24.46 1.67 -34.27
C ILE A 151 23.18 2.51 -34.49
N SER A 152 22.06 1.82 -34.70
CA SER A 152 20.76 2.49 -34.68
C SER A 152 19.72 1.72 -33.83
N TYR A 153 18.45 2.00 -34.08
CA TYR A 153 17.37 1.34 -33.39
C TYR A 153 16.51 0.53 -34.34
N SER A 154 15.76 -0.41 -33.80
CA SER A 154 14.90 -1.27 -34.60
C SER A 154 13.55 -0.61 -34.75
N ASP A 155 13.20 -0.27 -36.00
CA ASP A 155 11.93 0.41 -36.22
C ASP A 155 10.74 -0.53 -35.99
N GLU A 156 10.84 -1.81 -36.34
CA GLU A 156 9.80 -2.78 -36.02
C GLU A 156 9.57 -2.92 -34.50
N VAL A 157 10.63 -3.07 -33.73
CA VAL A 157 10.47 -3.20 -32.28
C VAL A 157 9.94 -1.90 -31.63
N ALA A 158 10.48 -0.74 -32.00
CA ALA A 158 9.92 0.57 -31.53
C ALA A 158 8.41 0.72 -31.81
N ARG A 159 7.99 0.40 -33.03
CA ARG A 159 6.61 0.49 -33.38
C ARG A 159 5.75 -0.51 -32.61
N SER A 160 6.24 -1.74 -32.43
CA SER A 160 5.49 -2.76 -31.69
C SER A 160 5.32 -2.34 -30.22
N GLU A 161 6.39 -1.82 -29.61
CA GLU A 161 6.30 -1.28 -28.22
C GLU A 161 5.26 -0.15 -28.15
N PHE A 162 5.31 0.77 -29.12
CA PHE A 162 4.59 2.04 -29.04
C PHE A 162 3.08 1.82 -29.21
N GLU A 163 2.72 0.84 -30.02
CA GLU A 163 1.30 0.48 -30.20
C GLU A 163 0.68 -0.13 -28.92
N THR A 164 1.50 -0.76 -28.08
CA THR A 164 1.04 -1.74 -27.06
C THR A 164 1.28 -1.30 -25.57
N ALA A 165 1.85 -0.10 -25.38
CA ALA A 165 2.47 0.30 -24.11
C ALA A 165 1.50 1.02 -23.16
N PHE A 166 0.52 0.28 -22.63
CA PHE A 166 -0.53 0.95 -21.83
C PHE A 166 -0.03 1.30 -20.46
N LEU A 167 0.79 0.45 -19.88
CA LEU A 167 1.27 0.79 -18.53
C LEU A 167 2.31 1.92 -18.56
N ASN A 168 3.13 2.02 -19.62
CA ASN A 168 4.07 3.13 -19.62
C ASN A 168 3.35 4.46 -19.84
N ARG A 169 2.28 4.45 -20.64
CA ARG A 169 1.38 5.62 -20.80
C ARG A 169 0.66 5.97 -19.49
N SER A 170 0.17 4.96 -18.76
CA SER A 170 -0.38 5.20 -17.43
C SER A 170 0.62 5.93 -16.52
N LEU A 171 1.86 5.49 -16.53
CA LEU A 171 2.90 6.17 -15.73
C LEU A 171 3.25 7.58 -16.22
N CYS A 172 3.29 7.80 -17.55
CA CYS A 172 3.52 9.15 -18.06
C CYS A 172 2.44 10.10 -17.53
N TYR A 173 1.16 9.76 -17.68
CA TYR A 173 0.08 10.57 -17.14
C TYR A 173 0.16 10.79 -15.63
N PHE A 174 0.58 9.78 -14.89
CA PHE A 174 0.79 9.87 -13.46
C PHE A 174 1.88 10.89 -13.14
N LEU A 175 2.96 10.82 -13.91
CA LEU A 175 4.08 11.71 -13.73
C LEU A 175 3.63 13.17 -14.04
N LYS A 176 2.82 13.35 -15.08
CA LYS A 176 2.26 14.66 -15.45
C LYS A 176 1.33 15.25 -14.37
N GLN A 177 0.39 14.41 -13.91
CA GLN A 177 -0.50 14.77 -12.83
C GLN A 177 0.21 15.27 -11.56
N HIS A 178 1.32 14.63 -11.17
CA HIS A 178 2.06 15.05 -9.99
C HIS A 178 3.14 16.05 -10.29
N ARG A 179 3.12 16.56 -11.51
CA ARG A 179 3.98 17.66 -11.96
C ARG A 179 5.48 17.33 -11.98
N ILE A 180 5.79 16.04 -11.99
CA ILE A 180 7.18 15.57 -12.09
C ILE A 180 7.78 15.81 -13.48
N ILE A 181 6.99 15.60 -14.52
CA ILE A 181 7.35 15.98 -15.89
C ILE A 181 6.27 16.92 -16.46
N ASP A 182 6.57 17.60 -17.56
CA ASP A 182 5.55 18.43 -18.26
C ASP A 182 5.72 18.27 -19.77
N GLU A 183 6.02 17.05 -20.20
CA GLU A 183 6.16 16.79 -21.62
C GLU A 183 4.85 16.23 -22.17
N ASP A 184 4.68 16.30 -23.47
CA ASP A 184 3.66 15.56 -24.15
C ASP A 184 3.94 14.04 -24.01
N VAL A 185 2.99 13.30 -23.49
CA VAL A 185 3.12 11.82 -23.28
C VAL A 185 3.46 11.09 -24.59
N GLU A 186 2.76 11.39 -25.67
CA GLU A 186 3.02 10.67 -26.94
C GLU A 186 4.41 10.93 -27.50
N GLU A 187 4.92 12.14 -27.32
CA GLU A 187 6.29 12.48 -27.66
C GLU A 187 7.32 11.85 -26.71
N LEU A 188 7.04 11.84 -25.42
CA LEU A 188 7.91 11.13 -24.46
C LEU A 188 7.92 9.62 -24.76
N MET A 189 6.75 9.06 -25.04
CA MET A 189 6.66 7.65 -25.44
C MET A 189 7.34 7.37 -26.76
N GLU A 190 7.30 8.29 -27.70
CA GLU A 190 8.03 8.07 -28.93
C GLU A 190 9.55 7.98 -28.66
N LEU A 191 10.06 8.87 -27.85
CA LEU A 191 11.48 8.86 -27.49
C LEU A 191 11.86 7.59 -26.71
N TYR A 192 11.03 7.23 -25.72
CA TYR A 192 11.36 6.11 -24.86
C TYR A 192 11.39 4.75 -25.57
N THR A 193 10.42 4.51 -26.44
CA THR A 193 10.30 3.27 -27.16
C THR A 193 11.43 3.13 -28.14
N LYS A 194 11.85 4.26 -28.72
CA LYS A 194 13.03 4.26 -29.63
C LYS A 194 14.34 4.06 -28.89
N GLN A 195 14.49 4.71 -27.73
CA GLN A 195 15.59 4.43 -26.81
C GLN A 195 15.64 2.89 -26.45
N CYS A 196 14.51 2.28 -26.08
CA CYS A 196 14.49 0.85 -25.77
C CYS A 196 14.79 -0.05 -26.96
N ALA A 197 14.58 0.47 -28.17
CA ALA A 197 14.74 -0.30 -29.43
C ALA A 197 16.14 -0.16 -30.09
N ILE A 198 17.02 0.60 -29.46
CA ILE A 198 18.43 0.64 -29.90
C ILE A 198 18.94 -0.80 -29.87
N GLU A 199 19.62 -1.23 -30.94
CA GLU A 199 20.00 -2.62 -31.05
C GLU A 199 21.47 -2.72 -31.43
N MET A 200 22.11 -3.80 -31.01
CA MET A 200 23.55 -4.04 -31.25
C MET A 200 23.84 -5.51 -31.00
N THR A 201 25.07 -5.93 -31.29
CA THR A 201 25.53 -7.27 -31.03
C THR A 201 26.10 -7.29 -29.59
N CYS A 202 26.34 -8.50 -29.07
CA CYS A 202 26.93 -8.69 -27.77
C CYS A 202 28.34 -8.08 -27.73
N ILE A 203 28.99 -8.02 -28.90
CA ILE A 203 30.32 -7.43 -28.99
C ILE A 203 30.29 -5.92 -28.64
N ASP A 204 29.34 -5.21 -29.23
CA ASP A 204 29.14 -3.78 -28.98
C ASP A 204 28.75 -3.54 -27.53
N LEU A 205 27.88 -4.39 -26.99
CA LEU A 205 27.40 -4.25 -25.62
C LEU A 205 28.52 -4.45 -24.58
N ALA A 206 29.38 -5.46 -24.82
CA ALA A 206 30.56 -5.69 -24.00
C ALA A 206 31.49 -4.47 -23.97
N ARG A 207 31.63 -3.78 -25.10
CA ARG A 207 32.53 -2.66 -25.10
C ARG A 207 31.95 -1.58 -24.26
N ILE A 208 30.62 -1.40 -24.29
CA ILE A 208 30.04 -0.39 -23.41
C ILE A 208 30.35 -0.75 -21.92
N GLY A 209 30.24 -2.03 -21.59
CA GLY A 209 30.57 -2.52 -20.25
C GLY A 209 32.03 -2.24 -19.90
N LEU A 210 32.92 -2.32 -20.89
CA LEU A 210 34.34 -2.14 -20.63
C LEU A 210 34.58 -0.68 -20.31
N VAL A 211 33.96 0.24 -21.04
CA VAL A 211 34.07 1.68 -20.68
C VAL A 211 33.67 1.92 -19.20
N LEU A 212 32.55 1.32 -18.77
CA LEU A 212 32.07 1.46 -17.38
C LEU A 212 33.10 0.87 -16.36
N ALA A 213 33.64 -0.30 -16.70
CA ALA A 213 34.69 -0.97 -15.94
C ALA A 213 35.99 -0.17 -15.84
N LEU A 214 36.31 0.66 -16.87
CA LEU A 214 37.47 1.57 -16.82
C LEU A 214 37.06 2.95 -16.33
N ASP A 215 35.99 3.03 -15.55
CA ASP A 215 35.59 4.31 -14.98
C ASP A 215 35.42 5.46 -15.98
N GLY A 216 34.83 5.13 -17.13
CA GLY A 216 34.46 6.13 -18.10
C GLY A 216 35.40 6.32 -19.28
N ARG A 217 36.54 5.60 -19.28
CA ARG A 217 37.59 5.82 -20.29
C ARG A 217 37.48 4.90 -21.51
N ASP A 218 37.72 5.47 -22.68
CA ASP A 218 37.69 4.69 -23.92
C ASP A 218 38.84 3.72 -23.81
N PRO A 219 38.59 2.42 -24.11
CA PRO A 219 39.69 1.46 -23.95
C PRO A 219 40.74 1.59 -25.06
N HIS A 220 40.35 2.23 -26.16
CA HIS A 220 41.26 2.42 -27.29
C HIS A 220 42.12 3.66 -27.07
N SER A 221 41.50 4.81 -26.81
CA SER A 221 42.18 6.12 -26.73
C SER A 221 42.38 6.71 -25.34
N SER A 222 41.86 6.01 -24.30
CA SER A 222 41.84 6.49 -22.90
C SER A 222 41.21 7.88 -22.68
N GLU A 223 40.51 8.35 -23.71
CA GLU A 223 39.57 9.47 -23.60
C GLU A 223 38.44 9.18 -22.57
N PRO A 224 38.13 10.18 -21.71
CA PRO A 224 36.96 10.01 -20.80
C PRO A 224 35.65 10.19 -21.56
N LEU A 225 35.01 9.08 -21.90
CA LEU A 225 33.69 9.10 -22.54
C LEU A 225 32.60 9.62 -21.60
N MET A 226 32.82 9.40 -20.30
CA MET A 226 32.00 9.98 -19.24
C MET A 226 32.91 10.24 -18.02
N PRO A 227 32.52 11.18 -17.16
CA PRO A 227 33.24 11.38 -15.90
C PRO A 227 33.28 10.09 -15.03
N LEU A 228 34.37 9.91 -14.30
CA LEU A 228 34.55 8.81 -13.38
C LEU A 228 33.36 8.75 -12.41
N ASP A 229 32.94 9.87 -11.82
CA ASP A 229 31.77 9.88 -10.94
C ASP A 229 30.50 9.28 -11.59
N VAL A 230 30.31 9.53 -12.89
CA VAL A 230 29.12 9.04 -13.60
C VAL A 230 29.21 7.56 -13.85
N ALA A 231 30.39 7.10 -14.27
CA ALA A 231 30.64 5.64 -14.40
C ALA A 231 30.34 4.91 -13.07
N ARG A 232 30.79 5.51 -11.96
CA ARG A 232 30.61 4.89 -10.64
C ARG A 232 29.17 4.82 -10.24
N ILE A 233 28.43 5.93 -10.42
CA ILE A 233 27.00 5.99 -10.19
C ILE A 233 26.23 4.93 -10.96
N CYS A 234 26.49 4.81 -12.26
CA CYS A 234 25.87 3.74 -13.03
C CYS A 234 26.12 2.35 -12.44
N LYS A 235 27.37 2.06 -12.09
CA LYS A 235 27.71 0.76 -11.50
C LYS A 235 27.05 0.46 -10.17
N THR A 236 26.90 1.48 -9.32
CA THR A 236 26.18 1.25 -8.08
C THR A 236 24.72 0.76 -8.36
N PHE A 237 24.03 1.42 -9.30
CA PHE A 237 22.63 1.03 -9.64
C PHE A 237 22.61 -0.36 -10.29
N MET A 238 23.62 -0.68 -11.10
CA MET A 238 23.74 -2.01 -11.65
C MET A 238 24.02 -3.10 -10.58
N VAL A 239 24.53 -2.73 -9.41
CA VAL A 239 24.57 -3.71 -8.32
C VAL A 239 23.27 -3.79 -7.48
N THR A 240 22.76 -2.62 -7.05
CA THR A 240 21.60 -2.55 -6.17
C THR A 240 20.26 -2.84 -6.88
N CYS A 241 20.11 -2.47 -8.17
CA CYS A 241 18.82 -2.73 -8.81
C CYS A 241 18.83 -2.92 -10.33
N GLY A 242 19.86 -3.56 -10.86
CA GLY A 242 20.01 -3.71 -12.30
C GLY A 242 19.36 -4.91 -12.91
N MET A 243 19.03 -5.92 -12.09
CA MET A 243 18.44 -7.16 -12.61
C MET A 243 16.95 -7.29 -12.36
N TYR A 244 16.20 -6.21 -12.54
CA TYR A 244 14.76 -6.31 -12.54
C TYR A 244 14.26 -6.44 -11.07
N ASN A 245 13.72 -7.59 -10.70
CA ASN A 245 13.31 -7.87 -9.33
C ASN A 245 14.18 -8.94 -8.70
N SER A 246 15.38 -9.14 -9.22
CA SER A 246 16.22 -10.10 -8.57
C SER A 246 17.69 -9.69 -8.49
N SER A 247 17.95 -8.41 -8.26
CA SER A 247 19.32 -7.99 -8.09
C SER A 247 20.02 -8.63 -6.91
N GLY A 248 19.30 -8.83 -5.80
CA GLY A 248 19.88 -9.38 -4.57
C GLY A 248 20.32 -10.84 -4.80
N GLU A 249 19.47 -11.62 -5.47
CA GLU A 249 19.80 -12.99 -5.86
C GLU A 249 20.97 -13.03 -6.83
N PHE A 250 20.98 -12.13 -7.83
CA PHE A 250 22.13 -12.03 -8.79
C PHE A 250 23.45 -11.62 -8.11
N ALA A 251 23.39 -10.70 -7.13
CA ALA A 251 24.59 -10.39 -6.32
C ALA A 251 25.18 -11.64 -5.61
N ILE A 252 24.30 -12.51 -5.09
CA ILE A 252 24.69 -13.71 -4.34
C ILE A 252 25.27 -14.78 -5.31
N LYS A 253 24.58 -15.00 -6.42
CA LYS A 253 24.90 -16.06 -7.36
C LYS A 253 25.87 -15.66 -8.45
N VAL A 254 26.02 -14.37 -8.71
CA VAL A 254 27.00 -13.94 -9.71
C VAL A 254 27.97 -12.89 -9.18
N GLY A 255 27.44 -11.87 -8.51
CA GLY A 255 28.25 -10.86 -7.85
C GLY A 255 28.98 -9.82 -8.67
N ILE A 256 28.47 -9.47 -9.86
CA ILE A 256 29.10 -8.39 -10.63
C ILE A 256 28.00 -7.31 -10.93
N PRO A 257 28.38 -6.05 -11.19
CA PRO A 257 27.41 -5.07 -11.66
C PRO A 257 26.89 -5.45 -13.05
N ALA A 258 25.57 -5.55 -13.20
CA ALA A 258 24.93 -5.94 -14.46
C ALA A 258 23.57 -5.27 -14.58
N LYS A 259 23.13 -5.04 -15.80
CA LYS A 259 21.82 -4.53 -16.10
C LYS A 259 21.17 -5.46 -17.11
N SER A 260 19.92 -5.87 -16.86
CA SER A 260 19.29 -6.80 -17.77
C SER A 260 18.19 -6.07 -18.56
N GLY A 261 17.74 -6.67 -19.66
CA GLY A 261 16.45 -6.28 -20.25
C GLY A 261 15.67 -7.47 -20.82
N VAL A 262 14.38 -7.25 -21.09
CA VAL A 262 13.49 -8.37 -21.43
C VAL A 262 13.64 -8.93 -22.86
N SER A 263 14.49 -8.30 -23.67
CA SER A 263 14.87 -8.90 -24.96
C SER A 263 15.95 -9.96 -24.75
N GLY A 264 16.39 -10.16 -23.49
CA GLY A 264 17.42 -11.19 -23.16
C GLY A 264 18.86 -10.67 -22.97
N GLY A 265 19.04 -9.36 -22.95
CA GLY A 265 20.35 -8.77 -22.77
C GLY A 265 20.78 -8.74 -21.32
N ILE A 266 22.09 -8.88 -21.12
CA ILE A 266 22.71 -8.54 -19.86
C ILE A 266 24.01 -7.80 -20.20
N LEU A 267 24.11 -6.59 -19.71
CA LEU A 267 25.31 -5.76 -19.81
C LEU A 267 25.98 -5.90 -18.45
N ALA A 268 27.25 -6.28 -18.38
CA ALA A 268 27.97 -6.22 -17.09
C ALA A 268 29.34 -5.51 -17.20
N ALA A 269 29.76 -4.91 -16.07
CA ALA A 269 30.98 -4.10 -15.98
C ALA A 269 31.69 -4.60 -14.70
N VAL A 270 32.72 -5.43 -14.88
CA VAL A 270 33.54 -5.96 -13.79
C VAL A 270 34.69 -4.96 -13.53
N PRO A 271 34.61 -4.19 -12.41
CA PRO A 271 35.45 -2.98 -12.24
C PRO A 271 36.96 -3.29 -12.40
N GLY A 272 37.58 -2.52 -13.30
CA GLY A 272 38.99 -2.75 -13.68
C GLY A 272 39.32 -3.99 -14.47
N ARG A 273 38.35 -4.84 -14.78
CA ARG A 273 38.65 -6.15 -15.35
C ARG A 273 38.08 -6.42 -16.76
N CYS A 274 36.77 -6.24 -16.96
CA CYS A 274 36.15 -6.55 -18.26
C CYS A 274 34.73 -5.98 -18.40
N GLY A 275 34.31 -5.76 -19.66
CA GLY A 275 32.92 -5.52 -20.01
C GLY A 275 32.44 -6.84 -20.55
N ILE A 276 31.19 -7.18 -20.24
CA ILE A 276 30.62 -8.42 -20.74
C ILE A 276 29.29 -8.01 -21.32
N GLY A 277 28.96 -8.59 -22.48
CA GLY A 277 27.67 -8.38 -23.13
C GLY A 277 27.12 -9.74 -23.46
N VAL A 278 25.88 -10.01 -23.05
CA VAL A 278 25.23 -11.31 -23.31
C VAL A 278 23.86 -11.04 -23.86
N PHE A 279 23.42 -11.84 -24.84
CA PHE A 279 22.04 -11.85 -25.32
C PHE A 279 21.54 -13.31 -25.37
N GLY A 280 20.51 -13.63 -24.58
CA GLY A 280 19.82 -14.92 -24.58
C GLY A 280 18.34 -14.66 -24.39
N PRO A 281 17.58 -14.58 -25.49
CA PRO A 281 16.13 -14.29 -25.47
C PRO A 281 15.21 -15.11 -24.57
N ALA A 282 15.60 -16.33 -24.20
CA ALA A 282 14.74 -17.17 -23.33
C ALA A 282 14.86 -16.63 -21.88
N LEU A 283 13.77 -16.07 -21.35
CA LEU A 283 13.75 -15.47 -20.03
C LEU A 283 13.26 -16.44 -18.95
N ASP A 284 13.75 -16.25 -17.73
CA ASP A 284 13.17 -16.92 -16.59
C ASP A 284 11.80 -16.33 -16.19
N ASP A 285 11.17 -16.93 -15.16
CA ASP A 285 9.88 -16.49 -14.64
C ASP A 285 9.87 -15.04 -14.18
N LYS A 286 11.06 -14.47 -13.98
CA LYS A 286 11.17 -13.15 -13.42
C LYS A 286 11.71 -12.13 -14.42
N GLY A 287 11.66 -12.44 -15.71
CA GLY A 287 12.00 -11.47 -16.74
C GLY A 287 13.47 -11.25 -17.07
N ASN A 288 14.38 -11.98 -16.44
CA ASN A 288 15.82 -11.95 -16.79
C ASN A 288 16.16 -13.13 -17.69
N SER A 289 17.09 -12.92 -18.62
CA SER A 289 17.60 -14.04 -19.45
C SER A 289 17.98 -15.26 -18.61
N LEU A 290 17.28 -16.36 -18.83
CA LEU A 290 17.56 -17.62 -18.14
C LEU A 290 18.87 -18.21 -18.63
N THR A 291 19.02 -18.28 -19.95
CA THR A 291 20.27 -18.77 -20.54
C THR A 291 21.42 -17.83 -20.20
N GLY A 292 21.15 -16.52 -20.17
CA GLY A 292 22.23 -15.57 -19.92
C GLY A 292 22.71 -15.59 -18.47
N VAL A 293 21.79 -15.71 -17.52
CA VAL A 293 22.17 -15.72 -16.12
C VAL A 293 22.97 -17.03 -15.79
N LYS A 294 22.50 -18.19 -16.27
CA LYS A 294 23.31 -19.44 -16.10
C LYS A 294 24.71 -19.33 -16.64
N LEU A 295 24.85 -18.75 -17.83
CA LEU A 295 26.16 -18.50 -18.41
C LEU A 295 26.95 -17.61 -17.47
N LEU A 296 26.39 -16.48 -17.04
CA LEU A 296 27.18 -15.60 -16.14
C LEU A 296 27.47 -16.25 -14.78
N GLU A 297 26.60 -17.11 -14.28
CA GLU A 297 26.91 -17.85 -13.04
C GLU A 297 28.12 -18.77 -13.21
N ARG A 298 28.14 -19.52 -14.32
CA ARG A 298 29.30 -20.34 -14.66
C ARG A 298 30.56 -19.45 -14.83
N LEU A 299 30.45 -18.38 -15.59
CA LEU A 299 31.65 -17.60 -15.86
C LEU A 299 32.21 -16.98 -14.56
N SER A 300 31.31 -16.50 -13.70
CA SER A 300 31.74 -15.78 -12.49
C SER A 300 32.48 -16.70 -11.52
N LYS A 301 31.92 -17.89 -11.35
CA LYS A 301 32.57 -18.91 -10.57
C LYS A 301 33.94 -19.29 -11.12
N THR A 302 34.00 -19.57 -12.42
CA THR A 302 35.24 -20.10 -12.95
C THR A 302 36.36 -19.03 -13.05
N TYR A 303 35.98 -17.78 -13.25
CA TYR A 303 36.94 -16.65 -13.37
C TYR A 303 37.05 -15.76 -12.10
N SER A 304 36.36 -16.17 -11.04
CA SER A 304 36.32 -15.39 -9.78
C SER A 304 36.01 -13.92 -10.05
N LEU A 305 34.91 -13.64 -10.75
CA LEU A 305 34.52 -12.22 -11.08
C LEU A 305 33.82 -11.44 -9.92
N SER A 306 33.27 -12.16 -8.94
CA SER A 306 32.49 -11.45 -7.91
C SER A 306 33.28 -10.30 -7.27
N ILE A 307 32.66 -9.12 -7.12
CA ILE A 307 33.32 -7.96 -6.42
C ILE A 307 33.22 -8.03 -4.87
N PHE A 308 32.41 -8.98 -4.41
CA PHE A 308 32.10 -9.09 -2.98
C PHE A 308 33.16 -9.92 -2.26
N TYR B 4 -42.66 22.40 3.56
CA TYR B 4 -41.46 23.31 3.35
C TYR B 4 -41.91 24.69 2.88
N ASN B 5 -41.74 25.69 3.72
CA ASN B 5 -42.12 27.02 3.32
C ASN B 5 -40.96 27.84 2.79
N GLN B 6 -41.28 28.70 1.80
CA GLN B 6 -40.30 29.36 0.99
C GLN B 6 -39.48 30.42 1.75
N GLU B 7 -40.13 31.15 2.65
CA GLU B 7 -39.40 32.22 3.31
C GLU B 7 -38.36 31.69 4.30
N GLU B 8 -38.71 30.62 4.99
CA GLU B 8 -37.78 29.94 5.85
C GLU B 8 -36.56 29.52 5.04
N LEU B 9 -36.78 28.84 3.94
CA LEU B 9 -35.72 28.44 2.99
C LEU B 9 -34.76 29.60 2.71
N VAL B 10 -35.32 30.77 2.36
CA VAL B 10 -34.51 31.98 2.15
C VAL B 10 -33.61 32.33 3.35
N ARG B 11 -34.10 32.11 4.57
CA ARG B 11 -33.33 32.40 5.78
C ARG B 11 -32.25 31.34 6.02
N PHE B 12 -32.57 30.08 5.75
CA PHE B 12 -31.56 29.01 5.75
C PHE B 12 -30.42 29.31 4.77
N VAL B 13 -30.77 29.74 3.57
CA VAL B 13 -29.75 30.18 2.59
C VAL B 13 -28.88 31.33 3.07
N GLU B 14 -29.49 32.38 3.63
CA GLU B 14 -28.69 33.50 4.19
C GLU B 14 -27.74 33.00 5.29
N GLU B 15 -28.23 32.11 6.17
CA GLU B 15 -27.45 31.48 7.26
C GLU B 15 -26.23 30.70 6.72
N ALA B 16 -26.49 29.78 5.80
CA ALA B 16 -25.45 28.96 5.18
C ALA B 16 -24.42 29.78 4.43
N LYS B 17 -24.83 30.84 3.77
CA LYS B 17 -23.90 31.71 3.04
C LYS B 17 -22.77 32.32 3.90
N GLN B 18 -22.97 32.44 5.22
CA GLN B 18 -21.91 33.04 6.06
C GLN B 18 -20.63 32.19 6.13
N TYR B 19 -20.75 30.90 5.79
CA TYR B 19 -19.64 29.96 5.72
C TYR B 19 -18.82 30.07 4.44
N ALA B 20 -19.33 30.81 3.48
CA ALA B 20 -18.68 30.91 2.18
C ALA B 20 -17.25 31.35 2.28
N ARG B 21 -16.98 32.28 3.20
CA ARG B 21 -15.62 32.78 3.44
C ARG B 21 -14.62 31.72 3.91
N TYR B 22 -15.13 30.61 4.48
CA TYR B 22 -14.24 29.54 4.97
C TYR B 22 -14.03 28.44 3.93
N GLY B 23 -14.65 28.60 2.74
CA GLY B 23 -14.55 27.62 1.65
C GLY B 23 -13.72 28.14 0.50
N LYS B 24 -13.54 27.31 -0.51
CA LYS B 24 -12.74 27.69 -1.65
C LYS B 24 -13.26 26.97 -2.87
N VAL B 25 -13.39 27.69 -4.00
CA VAL B 25 -13.90 27.06 -5.23
C VAL B 25 -12.82 26.12 -5.75
N ALA B 26 -13.22 25.05 -6.47
CA ALA B 26 -12.29 24.10 -7.15
C ALA B 26 -11.53 24.83 -8.25
N ASP B 27 -10.23 24.95 -8.14
CA ASP B 27 -9.54 25.67 -9.19
C ASP B 27 -8.55 24.81 -9.98
N TYR B 28 -8.62 23.49 -9.78
CA TYR B 28 -7.79 22.54 -10.51
C TYR B 28 -8.32 22.13 -11.90
N ILE B 29 -9.61 22.37 -12.14
CA ILE B 29 -10.17 22.46 -13.49
C ILE B 29 -10.33 23.96 -13.64
N PRO B 30 -9.40 24.60 -14.36
CA PRO B 30 -9.41 26.06 -14.32
C PRO B 30 -10.77 26.75 -14.51
N ALA B 31 -11.62 26.22 -15.41
CA ALA B 31 -12.94 26.77 -15.64
C ALA B 31 -13.80 26.87 -14.36
N LEU B 32 -13.73 25.86 -13.49
CA LEU B 32 -14.46 25.89 -12.20
C LEU B 32 -13.93 26.96 -11.27
N GLY B 33 -12.64 27.33 -11.43
CA GLY B 33 -12.01 28.42 -10.67
C GLY B 33 -12.70 29.78 -10.84
N LYS B 34 -13.57 29.88 -11.85
CA LYS B 34 -14.22 31.12 -12.20
C LYS B 34 -15.54 31.33 -11.46
N ALA B 35 -15.97 30.28 -10.75
CA ALA B 35 -17.25 30.30 -10.03
C ALA B 35 -17.18 31.22 -8.83
N ASN B 36 -18.36 31.67 -8.40
CA ASN B 36 -18.52 32.60 -7.28
C ASN B 36 -18.77 31.83 -5.99
N PRO B 37 -17.81 31.84 -5.04
CA PRO B 37 -17.95 31.15 -3.75
C PRO B 37 -19.11 31.65 -2.87
N ASN B 38 -19.67 32.82 -3.19
CA ASN B 38 -20.85 33.34 -2.47
C ASN B 38 -22.19 32.86 -3.02
N GLU B 39 -22.19 32.15 -4.15
CA GLU B 39 -23.44 31.58 -4.65
C GLU B 39 -23.88 30.41 -3.78
N LEU B 40 -25.20 30.29 -3.58
CA LEU B 40 -25.82 29.14 -2.99
C LEU B 40 -27.27 29.07 -3.46
N SER B 41 -27.71 27.93 -3.96
CA SER B 41 -29.10 27.77 -4.36
C SER B 41 -29.60 26.44 -3.87
N ILE B 42 -30.90 26.36 -3.62
CA ILE B 42 -31.50 25.10 -3.19
C ILE B 42 -32.90 24.97 -3.74
N ALA B 43 -33.27 23.77 -4.13
CA ALA B 43 -34.64 23.51 -4.53
C ALA B 43 -35.03 22.21 -3.84
N ILE B 44 -36.30 22.10 -3.47
CA ILE B 44 -36.82 20.92 -2.80
C ILE B 44 -38.08 20.54 -3.55
N TYR B 45 -38.08 19.35 -4.15
CA TYR B 45 -39.19 18.88 -4.96
C TYR B 45 -39.96 17.81 -4.19
N THR B 46 -41.27 17.94 -4.10
CA THR B 46 -42.08 17.03 -3.31
C THR B 46 -43.00 16.20 -4.22
N PRO B 47 -43.52 15.07 -3.72
CA PRO B 47 -44.27 14.17 -4.58
C PRO B 47 -45.59 14.73 -5.10
N ASP B 48 -45.98 15.93 -4.66
CA ASP B 48 -47.16 16.57 -5.25
C ASP B 48 -46.74 17.31 -6.50
N ASP B 49 -45.47 17.14 -6.90
CA ASP B 49 -44.90 17.71 -8.14
C ASP B 49 -44.79 19.21 -8.06
N GLU B 50 -44.64 19.71 -6.84
CA GLU B 50 -44.36 21.12 -6.60
C GLU B 50 -42.93 21.31 -6.08
N VAL B 51 -42.40 22.49 -6.35
CA VAL B 51 -41.06 22.81 -5.98
C VAL B 51 -41.01 24.13 -5.24
N VAL B 52 -40.17 24.18 -4.21
CA VAL B 52 -39.84 25.42 -3.52
C VAL B 52 -38.33 25.65 -3.61
N SER B 53 -37.92 26.88 -3.86
CA SER B 53 -36.50 27.16 -3.98
C SER B 53 -36.09 28.52 -3.39
N ALA B 54 -34.79 28.68 -3.17
CA ALA B 54 -34.24 29.88 -2.59
C ALA B 54 -32.80 30.00 -3.04
N GLY B 55 -32.31 31.24 -3.05
CA GLY B 55 -30.93 31.59 -3.34
C GLY B 55 -30.74 31.80 -4.82
N ASP B 56 -29.57 31.43 -5.33
CA ASP B 56 -29.17 31.80 -6.71
C ASP B 56 -29.55 30.85 -7.86
N VAL B 57 -30.82 30.63 -8.16
CA VAL B 57 -31.04 29.74 -9.36
C VAL B 57 -30.46 30.10 -10.78
N THR B 58 -29.36 29.36 -11.16
CA THR B 58 -28.16 29.69 -12.00
C THR B 58 -27.60 28.24 -12.43
N VAL B 59 -27.08 28.02 -13.66
CA VAL B 59 -26.67 26.64 -14.13
C VAL B 59 -25.27 26.16 -13.69
N LYS B 60 -25.19 24.94 -13.17
CA LYS B 60 -23.92 24.44 -12.67
C LYS B 60 -23.63 23.05 -13.21
N VAL B 61 -22.36 22.72 -13.44
CA VAL B 61 -22.02 21.39 -13.99
C VAL B 61 -22.22 20.31 -12.91
N THR B 62 -22.62 19.13 -13.28
CA THR B 62 -22.82 18.12 -12.25
C THR B 62 -21.53 17.50 -11.70
N LEU B 63 -20.48 17.39 -12.51
CA LEU B 63 -19.24 16.75 -12.11
C LEU B 63 -19.54 15.33 -11.62
N GLN B 64 -19.02 14.97 -10.44
CA GLN B 64 -19.23 13.65 -9.90
C GLN B 64 -20.69 13.21 -9.75
N SER B 65 -21.65 14.15 -9.65
CA SER B 65 -23.08 13.75 -9.59
C SER B 65 -23.51 12.98 -10.84
N ILE B 66 -22.86 13.25 -11.95
CA ILE B 66 -23.20 12.52 -13.19
C ILE B 66 -22.93 11.01 -13.10
N SER B 67 -22.06 10.57 -12.20
CA SER B 67 -21.72 9.16 -12.09
C SER B 67 -22.95 8.34 -11.65
N LYS B 68 -23.88 8.97 -10.93
CA LYS B 68 -25.10 8.30 -10.51
C LYS B 68 -26.00 8.14 -11.72
N ILE B 69 -26.12 9.22 -12.49
CA ILE B 69 -26.90 9.20 -13.71
C ILE B 69 -26.39 8.16 -14.74
N ILE B 70 -25.07 8.10 -14.94
CA ILE B 70 -24.41 7.10 -15.82
C ILE B 70 -24.62 5.69 -15.33
N ALA B 71 -24.47 5.49 -14.01
CA ALA B 71 -24.71 4.16 -13.43
C ALA B 71 -26.14 3.68 -13.73
N LEU B 72 -27.12 4.56 -13.55
CA LEU B 72 -28.50 4.16 -13.73
C LEU B 72 -28.75 3.83 -15.23
N ALA B 73 -28.22 4.65 -16.12
CA ALA B 73 -28.34 4.40 -17.55
C ALA B 73 -27.75 3.06 -17.97
N LEU B 74 -26.54 2.73 -17.51
CA LEU B 74 -25.86 1.44 -17.83
C LEU B 74 -26.49 0.23 -17.17
N VAL B 75 -26.87 0.36 -15.89
CA VAL B 75 -27.74 -0.66 -15.28
C VAL B 75 -29.05 -1.02 -16.11
N LEU B 76 -29.76 -0.01 -16.61
CA LEU B 76 -30.94 -0.23 -17.46
C LEU B 76 -30.47 -0.96 -18.74
N ILE B 77 -29.48 -0.37 -19.41
CA ILE B 77 -28.98 -0.87 -20.68
C ILE B 77 -28.25 -2.23 -20.69
N ASP B 78 -27.36 -2.50 -19.74
CA ASP B 78 -26.61 -3.75 -19.73
C ASP B 78 -27.06 -4.74 -18.68
N ARG B 79 -27.87 -4.30 -17.73
CA ARG B 79 -28.30 -5.19 -16.64
C ARG B 79 -27.31 -5.18 -15.47
N GLY B 80 -27.84 -5.46 -14.27
CA GLY B 80 -27.05 -5.57 -13.05
C GLY B 80 -25.89 -6.56 -13.06
N GLU B 81 -26.07 -7.71 -13.69
CA GLU B 81 -25.00 -8.69 -13.53
C GLU B 81 -23.94 -8.70 -14.62
N ASP B 82 -24.00 -7.74 -15.55
CA ASP B 82 -22.81 -7.37 -16.32
C ASP B 82 -22.11 -6.21 -15.56
N GLU B 83 -22.90 -5.26 -15.04
CA GLU B 83 -22.32 -4.07 -14.42
C GLU B 83 -21.48 -4.48 -13.21
N VAL B 84 -22.03 -5.35 -12.38
CA VAL B 84 -21.27 -5.74 -11.19
C VAL B 84 -20.39 -6.92 -11.46
N PHE B 85 -20.34 -7.35 -12.71
CA PHE B 85 -19.21 -8.16 -13.12
C PHE B 85 -17.96 -7.26 -13.26
N HIS B 86 -18.18 -6.06 -13.79
CA HIS B 86 -17.09 -5.18 -14.19
C HIS B 86 -16.62 -4.27 -13.04
N LYS B 87 -17.54 -3.85 -12.16
CA LYS B 87 -17.22 -2.89 -11.09
C LYS B 87 -17.66 -3.44 -9.79
N VAL B 88 -17.02 -2.95 -8.71
CA VAL B 88 -17.42 -3.34 -7.38
C VAL B 88 -18.78 -2.79 -6.97
N GLY B 89 -19.28 -3.35 -5.89
CA GLY B 89 -20.38 -2.76 -5.11
C GLY B 89 -19.94 -2.19 -3.74
N MET B 90 -18.67 -2.13 -3.45
CA MET B 90 -18.32 -1.95 -2.05
C MET B 90 -17.68 -0.65 -1.70
N GLU B 91 -18.03 -0.14 -0.53
CA GLU B 91 -17.39 1.09 -0.04
C GLU B 91 -15.87 0.91 0.14
N PRO B 92 -15.41 -0.14 0.82
CA PRO B 92 -14.04 -0.51 0.71
C PRO B 92 -13.72 -1.95 0.59
N ALA B 108 -7.63 -6.36 -10.44
CA ALA B 108 -7.67 -4.94 -10.90
C ALA B 108 -9.08 -4.36 -10.98
N LYS B 109 -10.12 -5.18 -10.71
CA LYS B 109 -11.54 -4.74 -10.69
C LYS B 109 -11.86 -3.49 -9.78
N PRO B 110 -12.38 -2.38 -10.37
CA PRO B 110 -12.64 -1.20 -9.50
C PRO B 110 -13.62 -1.46 -8.37
N LEU B 111 -13.37 -0.85 -7.22
CA LEU B 111 -14.14 -1.09 -5.99
C LEU B 111 -15.62 -0.85 -6.14
N ASN B 112 -16.01 0.28 -6.71
CA ASN B 112 -17.40 0.65 -6.93
C ASN B 112 -17.54 1.63 -8.12
N PRO B 113 -18.78 1.94 -8.54
CA PRO B 113 -18.97 2.89 -9.62
C PRO B 113 -18.84 4.36 -9.22
N MET B 114 -18.58 4.69 -7.95
CA MET B 114 -18.47 6.09 -7.53
C MET B 114 -17.05 6.61 -7.54
N ILE B 115 -16.07 5.75 -7.33
CA ILE B 115 -14.69 6.18 -7.51
C ILE B 115 -14.38 6.36 -9.01
N ASN B 116 -13.39 7.23 -9.30
CA ASN B 116 -13.06 7.58 -10.67
C ASN B 116 -12.81 6.37 -11.54
N ALA B 117 -12.09 5.39 -11.04
CA ALA B 117 -11.75 4.25 -11.90
C ALA B 117 -13.04 3.47 -12.26
N GLY B 118 -13.91 3.25 -11.28
CA GLY B 118 -15.18 2.54 -11.52
C GLY B 118 -16.09 3.37 -12.39
N ALA B 119 -16.12 4.70 -12.14
CA ALA B 119 -16.89 5.60 -12.97
C ALA B 119 -16.49 5.60 -14.51
N LEU B 120 -15.21 5.46 -14.80
CA LEU B 120 -14.71 5.35 -16.18
C LEU B 120 -15.14 4.03 -16.82
N VAL B 121 -15.19 2.97 -16.01
CA VAL B 121 -15.68 1.68 -16.53
C VAL B 121 -17.15 1.82 -16.87
N VAL B 122 -17.91 2.43 -15.96
CA VAL B 122 -19.32 2.70 -16.19
C VAL B 122 -19.54 3.47 -17.50
N THR B 123 -18.90 4.62 -17.66
CA THR B 123 -19.08 5.43 -18.83
C THR B 123 -18.66 4.68 -20.12
N SER B 124 -17.61 3.89 -20.04
CA SER B 124 -17.20 2.99 -21.17
C SER B 124 -18.24 1.98 -21.64
N MET B 125 -19.21 1.67 -20.77
CA MET B 125 -20.24 0.68 -21.09
C MET B 125 -21.49 1.32 -21.71
N ILE B 126 -21.54 2.65 -21.77
CA ILE B 126 -22.66 3.33 -22.39
C ILE B 126 -22.71 2.92 -23.88
N GLN B 127 -23.88 2.54 -24.36
CA GLN B 127 -24.00 2.00 -25.72
C GLN B 127 -24.19 3.04 -26.82
N GLY B 128 -23.64 2.73 -27.99
CA GLY B 128 -23.67 3.66 -29.14
C GLY B 128 -22.44 3.52 -30.00
N GLY B 129 -22.57 3.84 -31.28
CA GLY B 129 -21.41 3.86 -32.17
C GLY B 129 -20.52 5.04 -31.83
N SER B 130 -20.91 6.22 -32.21
CA SER B 130 -20.14 7.43 -31.95
C SER B 130 -20.05 7.83 -30.45
N VAL B 131 -19.06 8.66 -30.11
CA VAL B 131 -19.07 9.41 -28.86
C VAL B 131 -20.38 10.21 -28.77
N SER B 132 -20.74 10.92 -29.83
CA SER B 132 -21.86 11.84 -29.75
C SER B 132 -23.17 11.06 -29.61
N GLU B 133 -23.16 9.82 -30.10
CA GLU B 133 -24.31 8.96 -29.94
C GLU B 133 -24.47 8.53 -28.47
N ARG B 134 -23.33 8.24 -27.83
CA ARG B 134 -23.30 7.78 -26.45
C ARG B 134 -23.77 8.97 -25.60
N LEU B 135 -23.20 10.15 -25.85
CA LEU B 135 -23.55 11.37 -25.14
C LEU B 135 -25.04 11.70 -25.30
N GLU B 136 -25.55 11.58 -26.51
CA GLU B 136 -26.97 11.83 -26.77
C GLU B 136 -27.94 10.91 -26.01
N ARG B 137 -27.60 9.63 -25.87
CA ARG B 137 -28.35 8.74 -24.99
C ARG B 137 -28.31 9.16 -23.54
N LEU B 138 -27.16 9.58 -23.04
CA LEU B 138 -27.05 10.06 -21.68
C LEU B 138 -27.87 11.33 -21.47
N LEU B 139 -27.74 12.27 -22.41
CA LEU B 139 -28.42 13.55 -22.35
C LEU B 139 -29.94 13.38 -22.38
N ALA B 140 -30.44 12.58 -23.30
CA ALA B 140 -31.85 12.22 -23.36
C ALA B 140 -32.35 11.67 -22.02
N PHE B 141 -31.61 10.76 -21.42
CA PHE B 141 -31.96 10.20 -20.12
C PHE B 141 -32.03 11.27 -19.01
N VAL B 142 -31.00 12.09 -18.91
CA VAL B 142 -30.93 13.19 -17.93
C VAL B 142 -32.11 14.16 -18.16
N ARG B 143 -32.46 14.42 -19.43
CA ARG B 143 -33.59 15.32 -19.72
C ARG B 143 -34.91 14.72 -19.27
N ARG B 144 -35.05 13.41 -19.38
CA ARG B 144 -36.26 12.76 -18.87
C ARG B 144 -36.36 12.88 -17.34
N LEU B 145 -35.26 12.49 -16.69
CA LEU B 145 -35.18 12.50 -15.26
C LEU B 145 -35.45 13.85 -14.71
N ALA B 146 -34.81 14.88 -15.26
CA ALA B 146 -35.00 16.25 -14.79
C ALA B 146 -36.29 16.91 -15.26
N GLY B 147 -37.03 16.28 -16.17
CA GLY B 147 -38.26 16.91 -16.68
C GLY B 147 -37.99 18.18 -17.49
N ASN B 148 -36.79 18.28 -18.06
CA ASN B 148 -36.34 19.50 -18.74
C ASN B 148 -35.53 19.13 -19.99
N GLU B 149 -36.15 19.30 -21.16
CA GLU B 149 -35.46 18.93 -22.40
C GLU B 149 -34.45 19.99 -22.87
N ARG B 150 -34.32 21.09 -22.15
CA ARG B 150 -33.33 22.10 -22.51
C ARG B 150 -31.91 21.78 -21.94
N ILE B 151 -31.75 20.75 -21.11
CA ILE B 151 -30.43 20.45 -20.50
C ILE B 151 -29.41 20.02 -21.57
N SER B 152 -28.28 20.71 -21.56
CA SER B 152 -27.06 20.36 -22.30
C SER B 152 -25.80 20.45 -21.38
N TYR B 153 -24.61 20.45 -21.99
CA TYR B 153 -23.38 20.49 -21.24
C TYR B 153 -22.61 21.73 -21.56
N SER B 154 -21.71 22.10 -20.63
CA SER B 154 -20.86 23.23 -20.76
C SER B 154 -19.60 22.90 -21.54
N ASP B 155 -19.55 23.41 -22.75
CA ASP B 155 -18.37 23.26 -23.64
C ASP B 155 -17.08 23.82 -23.05
N GLU B 156 -17.17 24.95 -22.36
CA GLU B 156 -16.01 25.52 -21.69
C GLU B 156 -15.48 24.62 -20.57
N VAL B 157 -16.37 24.10 -19.72
CA VAL B 157 -15.96 23.22 -18.66
C VAL B 157 -15.45 21.89 -19.23
N ALA B 158 -16.15 21.30 -20.20
CA ALA B 158 -15.68 20.04 -20.80
C ALA B 158 -14.23 20.16 -21.35
N ARG B 159 -13.96 21.31 -21.95
CA ARG B 159 -12.69 21.54 -22.60
C ARG B 159 -11.63 21.74 -21.55
N SER B 160 -11.93 22.51 -20.51
CA SER B 160 -10.98 22.75 -19.42
C SER B 160 -10.63 21.42 -18.72
N GLU B 161 -11.63 20.59 -18.43
CA GLU B 161 -11.41 19.21 -17.94
C GLU B 161 -10.53 18.37 -18.87
N PHE B 162 -10.87 18.33 -20.16
CA PHE B 162 -10.27 17.42 -21.10
C PHE B 162 -8.77 17.75 -21.25
N GLU B 163 -8.42 19.05 -21.18
CA GLU B 163 -7.06 19.53 -21.27
C GLU B 163 -6.13 19.17 -20.11
N THR B 164 -6.68 18.96 -18.92
CA THR B 164 -5.91 18.86 -17.67
C THR B 164 -6.16 17.50 -16.94
N ALA B 165 -6.90 16.59 -17.56
CA ALA B 165 -7.34 15.33 -16.88
C ALA B 165 -6.25 14.24 -16.91
N PHE B 166 -5.16 14.46 -16.21
CA PHE B 166 -4.01 13.55 -16.33
C PHE B 166 -4.25 12.30 -15.53
N LEU B 167 -4.80 12.43 -14.35
CA LEU B 167 -5.05 11.29 -13.50
C LEU B 167 -6.03 10.34 -14.12
N ASN B 168 -7.12 10.85 -14.69
CA ASN B 168 -8.11 9.98 -15.32
C ASN B 168 -7.61 9.27 -16.56
N ARG B 169 -6.73 9.92 -17.32
CA ARG B 169 -6.06 9.19 -18.38
C ARG B 169 -5.13 8.11 -17.86
N SER B 170 -4.39 8.39 -16.79
CA SER B 170 -3.55 7.36 -16.17
C SER B 170 -4.44 6.14 -15.75
N LEU B 171 -5.66 6.41 -15.19
CA LEU B 171 -6.59 5.32 -14.82
C LEU B 171 -7.06 4.51 -16.05
N CYS B 172 -7.38 5.22 -17.12
CA CYS B 172 -7.83 4.62 -18.36
C CYS B 172 -6.79 3.65 -18.94
N TYR B 173 -5.53 4.07 -19.03
CA TYR B 173 -4.45 3.18 -19.47
C TYR B 173 -4.19 1.99 -18.56
N PHE B 174 -4.27 2.19 -17.25
CA PHE B 174 -4.18 1.06 -16.33
C PHE B 174 -5.33 0.06 -16.56
N LEU B 175 -6.56 0.56 -16.73
CA LEU B 175 -7.73 -0.28 -17.00
C LEU B 175 -7.58 -1.03 -18.32
N LYS B 176 -7.06 -0.36 -19.35
CA LYS B 176 -6.76 -1.02 -20.65
C LYS B 176 -5.70 -2.10 -20.54
N GLN B 177 -4.58 -1.79 -19.89
CA GLN B 177 -3.55 -2.81 -19.60
C GLN B 177 -4.10 -4.09 -18.93
N HIS B 178 -5.11 -3.95 -18.08
CA HIS B 178 -5.61 -5.10 -17.34
C HIS B 178 -6.88 -5.61 -17.97
N ARG B 179 -7.11 -5.15 -19.20
CA ARG B 179 -8.22 -5.59 -20.02
C ARG B 179 -9.60 -5.44 -19.36
N ILE B 180 -9.80 -4.32 -18.68
CA ILE B 180 -11.11 -4.00 -18.11
C ILE B 180 -11.91 -3.18 -19.10
N ILE B 181 -11.22 -2.32 -19.83
CA ILE B 181 -11.82 -1.48 -20.87
C ILE B 181 -11.07 -1.72 -22.19
N ASP B 182 -11.72 -1.36 -23.29
CA ASP B 182 -11.22 -1.54 -24.65
C ASP B 182 -11.18 -0.26 -25.46
N GLU B 183 -12.03 0.70 -25.12
CA GLU B 183 -12.12 1.91 -25.89
C GLU B 183 -10.80 2.64 -26.00
N ASP B 184 -10.67 3.45 -27.05
CA ASP B 184 -9.56 4.39 -27.16
C ASP B 184 -9.70 5.39 -26.00
N VAL B 185 -8.56 5.74 -25.40
CA VAL B 185 -8.55 6.53 -24.21
C VAL B 185 -9.10 7.93 -24.50
N GLU B 186 -8.72 8.52 -25.64
CA GLU B 186 -9.13 9.89 -25.94
C GLU B 186 -10.62 9.97 -26.21
N GLU B 187 -11.16 8.94 -26.83
CA GLU B 187 -12.58 8.80 -27.06
C GLU B 187 -13.39 8.64 -25.74
N LEU B 188 -12.96 7.72 -24.90
CA LEU B 188 -13.54 7.60 -23.55
C LEU B 188 -13.45 8.95 -22.79
N MET B 189 -12.32 9.63 -22.86
CA MET B 189 -12.14 10.92 -22.16
C MET B 189 -13.08 11.99 -22.67
N GLU B 190 -13.24 12.04 -23.98
CA GLU B 190 -14.20 12.95 -24.62
C GLU B 190 -15.64 12.75 -24.04
N LEU B 191 -16.10 11.51 -24.03
CA LEU B 191 -17.40 11.18 -23.46
C LEU B 191 -17.48 11.53 -21.95
N TYR B 192 -16.46 11.15 -21.21
CA TYR B 192 -16.46 11.35 -19.76
C TYR B 192 -16.46 12.78 -19.33
N THR B 193 -15.68 13.62 -20.00
CA THR B 193 -15.58 15.03 -19.59
C THR B 193 -16.85 15.73 -19.96
N LYS B 194 -17.47 15.26 -21.03
CA LYS B 194 -18.75 15.86 -21.44
C LYS B 194 -19.90 15.45 -20.54
N GLN B 195 -19.92 14.20 -20.13
CA GLN B 195 -20.84 13.76 -19.07
C GLN B 195 -20.72 14.67 -17.81
N CYS B 196 -19.50 14.92 -17.36
CA CYS B 196 -19.24 15.67 -16.13
C CYS B 196 -19.61 17.16 -16.29
N ALA B 197 -19.71 17.63 -17.54
CA ALA B 197 -20.01 19.04 -17.87
C ALA B 197 -21.52 19.27 -18.08
N ILE B 198 -22.35 18.22 -17.99
CA ILE B 198 -23.78 18.40 -18.05
C ILE B 198 -24.12 19.42 -16.97
N GLU B 199 -24.87 20.49 -17.30
CA GLU B 199 -25.16 21.55 -16.36
C GLU B 199 -26.65 21.85 -16.27
N MET B 200 -27.06 22.35 -15.12
CA MET B 200 -28.48 22.55 -14.83
C MET B 200 -28.62 23.35 -13.55
N THR B 201 -29.82 23.84 -13.28
CA THR B 201 -30.09 24.61 -12.05
C THR B 201 -30.41 23.66 -10.91
N CYS B 202 -30.44 24.16 -9.68
CA CYS B 202 -30.80 23.33 -8.51
C CYS B 202 -32.22 22.76 -8.63
N ILE B 203 -33.11 23.49 -9.33
CA ILE B 203 -34.49 23.00 -9.59
C ILE B 203 -34.56 21.73 -10.43
N ASP B 204 -33.87 21.71 -11.58
CA ASP B 204 -33.71 20.47 -12.40
C ASP B 204 -33.10 19.35 -11.54
N LEU B 205 -32.09 19.71 -10.72
CA LEU B 205 -31.36 18.69 -9.95
C LEU B 205 -32.28 18.10 -8.90
N ALA B 206 -33.11 18.96 -8.28
CA ALA B 206 -33.97 18.45 -7.22
C ALA B 206 -35.00 17.48 -7.83
N ARG B 207 -35.36 17.74 -9.08
CA ARG B 207 -36.35 16.97 -9.80
C ARG B 207 -35.80 15.55 -10.04
N ILE B 208 -34.50 15.47 -10.38
CA ILE B 208 -33.82 14.19 -10.48
C ILE B 208 -33.82 13.50 -9.14
N GLY B 209 -33.51 14.25 -8.09
CA GLY B 209 -33.49 13.65 -6.76
C GLY B 209 -34.87 13.11 -6.40
N LEU B 210 -35.94 13.81 -6.77
CA LEU B 210 -37.33 13.29 -6.52
C LEU B 210 -37.69 11.99 -7.25
N VAL B 211 -37.24 11.86 -8.49
CA VAL B 211 -37.44 10.57 -9.22
C VAL B 211 -36.84 9.38 -8.48
N LEU B 212 -35.60 9.56 -8.00
CA LEU B 212 -34.92 8.58 -7.12
C LEU B 212 -35.72 8.28 -5.84
N ALA B 213 -36.20 9.35 -5.22
CA ALA B 213 -36.99 9.30 -3.98
C ALA B 213 -38.32 8.59 -4.17
N LEU B 214 -38.89 8.66 -5.37
CA LEU B 214 -40.14 8.00 -5.71
C LEU B 214 -39.88 6.69 -6.39
N ASP B 215 -38.70 6.10 -6.12
CA ASP B 215 -38.28 4.81 -6.70
C ASP B 215 -38.34 4.71 -8.23
N GLY B 216 -38.03 5.80 -8.89
CA GLY B 216 -37.82 5.76 -10.33
C GLY B 216 -39.01 6.25 -11.10
N ARG B 217 -40.07 6.66 -10.37
CA ARG B 217 -41.29 7.16 -11.01
C ARG B 217 -41.20 8.62 -11.33
N ASP B 218 -41.79 9.00 -12.44
CA ASP B 218 -41.94 10.36 -12.84
C ASP B 218 -43.01 11.00 -11.93
N PRO B 219 -42.68 12.16 -11.30
CA PRO B 219 -43.65 12.75 -10.36
C PRO B 219 -44.86 13.34 -11.07
N HIS B 220 -44.69 13.68 -12.34
CA HIS B 220 -45.78 14.27 -13.10
C HIS B 220 -46.67 13.15 -13.65
N SER B 221 -46.12 12.36 -14.56
CA SER B 221 -46.87 11.29 -15.21
C SER B 221 -47.11 10.05 -14.33
N SER B 222 -46.21 9.80 -13.39
CA SER B 222 -46.14 8.51 -12.63
C SER B 222 -45.55 7.27 -13.36
N GLU B 223 -45.13 7.41 -14.62
CA GLU B 223 -44.51 6.29 -15.35
C GLU B 223 -43.09 6.06 -14.84
N PRO B 224 -42.59 4.82 -14.93
CA PRO B 224 -41.23 4.55 -14.54
C PRO B 224 -40.25 5.19 -15.50
N LEU B 225 -39.34 5.98 -14.95
CA LEU B 225 -38.23 6.51 -15.72
C LEU B 225 -37.04 5.60 -15.60
N MET B 226 -36.99 4.86 -14.49
CA MET B 226 -36.00 3.82 -14.30
C MET B 226 -36.66 2.76 -13.42
N PRO B 227 -36.20 1.51 -13.48
CA PRO B 227 -36.76 0.47 -12.59
C PRO B 227 -36.53 0.85 -11.11
N LEU B 228 -37.41 0.34 -10.25
CA LEU B 228 -37.25 0.49 -8.80
C LEU B 228 -35.93 -0.07 -8.29
N ASP B 229 -35.55 -1.27 -8.73
CA ASP B 229 -34.27 -1.88 -8.38
C ASP B 229 -33.06 -0.97 -8.74
N VAL B 230 -33.12 -0.27 -9.88
CA VAL B 230 -32.04 0.64 -10.27
C VAL B 230 -32.01 1.91 -9.40
N ALA B 231 -33.18 2.48 -9.13
CA ALA B 231 -33.32 3.64 -8.21
C ALA B 231 -32.78 3.29 -6.81
N ARG B 232 -33.05 2.08 -6.34
CA ARG B 232 -32.58 1.64 -5.00
C ARG B 232 -31.05 1.45 -4.99
N ILE B 233 -30.51 0.90 -6.07
CA ILE B 233 -29.05 0.72 -6.14
C ILE B 233 -28.30 2.07 -6.11
N CYS B 234 -28.82 3.02 -6.86
CA CYS B 234 -28.30 4.37 -6.85
C CYS B 234 -28.28 4.99 -5.46
N LYS B 235 -29.41 4.97 -4.74
CA LYS B 235 -29.51 5.50 -3.37
C LYS B 235 -28.58 4.81 -2.37
N THR B 236 -28.28 3.51 -2.58
CA THR B 236 -27.35 2.83 -1.64
C THR B 236 -25.93 3.39 -1.77
N PHE B 237 -25.41 3.54 -2.99
CA PHE B 237 -24.09 4.23 -3.19
C PHE B 237 -24.12 5.68 -2.73
N MET B 238 -25.25 6.35 -2.85
CA MET B 238 -25.37 7.72 -2.32
C MET B 238 -25.32 7.78 -0.74
N VAL B 239 -25.49 6.65 -0.07
CA VAL B 239 -25.28 6.64 1.41
C VAL B 239 -23.87 6.21 1.75
N THR B 240 -23.38 5.16 1.09
CA THR B 240 -22.11 4.52 1.47
C THR B 240 -20.87 5.30 0.97
N CYS B 241 -21.00 5.98 -0.20
CA CYS B 241 -19.86 6.63 -0.78
C CYS B 241 -20.22 7.79 -1.69
N GLY B 242 -21.27 8.52 -1.36
CA GLY B 242 -21.72 9.58 -2.21
C GLY B 242 -21.08 10.93 -1.96
N MET B 243 -20.46 11.14 -0.78
CA MET B 243 -19.91 12.44 -0.39
C MET B 243 -18.39 12.37 -0.38
N TYR B 244 -17.87 11.61 -1.32
CA TYR B 244 -16.46 11.27 -1.43
C TYR B 244 -15.88 10.66 -0.15
N ASN B 245 -14.98 11.42 0.46
CA ASN B 245 -14.28 10.99 1.64
C ASN B 245 -14.96 11.39 2.97
N SER B 246 -16.22 11.83 2.92
CA SER B 246 -16.93 12.21 4.14
C SER B 246 -18.36 11.68 4.20
N SER B 247 -18.58 10.54 3.57
CA SER B 247 -19.89 9.93 3.55
C SER B 247 -20.37 9.49 4.99
N GLY B 248 -19.46 9.03 5.86
CA GLY B 248 -19.84 8.65 7.22
C GLY B 248 -20.18 9.85 8.10
N GLU B 249 -19.40 10.92 7.99
CA GLU B 249 -19.72 12.17 8.61
C GLU B 249 -21.07 12.73 8.13
N PHE B 250 -21.29 12.69 6.82
CA PHE B 250 -22.52 13.19 6.28
C PHE B 250 -23.69 12.38 6.84
N ALA B 251 -23.59 11.04 6.83
CA ALA B 251 -24.63 10.21 7.38
C ALA B 251 -24.96 10.61 8.86
N ILE B 252 -23.95 10.99 9.66
CA ILE B 252 -24.18 11.32 11.10
C ILE B 252 -24.87 12.69 11.25
N LYS B 253 -24.43 13.66 10.44
CA LYS B 253 -24.81 15.07 10.55
C LYS B 253 -26.02 15.45 9.71
N VAL B 254 -26.29 14.67 8.66
CA VAL B 254 -27.46 14.93 7.81
C VAL B 254 -28.40 13.70 7.64
N GLY B 255 -27.85 12.57 7.21
CA GLY B 255 -28.59 11.32 7.32
C GLY B 255 -29.43 10.94 6.11
N ILE B 256 -29.08 11.46 4.95
CA ILE B 256 -29.85 11.21 3.70
C ILE B 256 -28.93 10.79 2.58
N PRO B 257 -29.48 10.01 1.60
CA PRO B 257 -28.69 9.65 0.40
C PRO B 257 -28.38 10.91 -0.34
N ALA B 258 -27.10 11.25 -0.50
CA ALA B 258 -26.69 12.42 -1.29
C ALA B 258 -25.44 12.07 -2.13
N LYS B 259 -25.27 12.74 -3.28
CA LYS B 259 -24.07 12.65 -4.07
C LYS B 259 -23.54 14.08 -4.31
N SER B 260 -22.26 14.31 -4.11
CA SER B 260 -21.69 15.67 -4.36
C SER B 260 -20.77 15.70 -5.57
N GLY B 261 -20.44 16.90 -6.02
CA GLY B 261 -19.35 17.07 -7.01
C GLY B 261 -18.59 18.35 -6.70
N VAL B 262 -17.38 18.43 -7.22
CA VAL B 262 -16.46 19.57 -7.00
C VAL B 262 -16.87 20.96 -7.55
N SER B 263 -17.92 21.03 -8.39
CA SER B 263 -18.54 22.32 -8.81
C SER B 263 -19.47 22.92 -7.73
N GLY B 264 -19.57 22.22 -6.61
CA GLY B 264 -20.40 22.61 -5.51
C GLY B 264 -21.76 21.97 -5.44
N GLY B 265 -22.02 20.94 -6.27
CA GLY B 265 -23.34 20.31 -6.29
C GLY B 265 -23.61 19.29 -5.18
N ILE B 266 -24.84 19.21 -4.72
CA ILE B 266 -25.28 18.10 -3.93
C ILE B 266 -26.66 17.69 -4.43
N LEU B 267 -26.78 16.43 -4.82
CA LEU B 267 -28.06 15.81 -5.21
C LEU B 267 -28.46 14.91 -4.05
N ALA B 268 -29.71 15.06 -3.53
CA ALA B 268 -30.15 14.21 -2.42
C ALA B 268 -31.50 13.61 -2.75
N ALA B 269 -31.72 12.39 -2.33
CA ALA B 269 -33.05 11.80 -2.50
C ALA B 269 -33.50 11.23 -1.18
N VAL B 270 -34.56 11.79 -0.59
CA VAL B 270 -35.02 11.33 0.72
C VAL B 270 -36.20 10.40 0.46
N PRO B 271 -36.02 9.08 0.63
CA PRO B 271 -36.95 8.04 0.12
C PRO B 271 -38.38 8.26 0.58
N GLY B 272 -39.32 8.30 -0.38
CA GLY B 272 -40.73 8.61 -0.14
C GLY B 272 -41.09 10.10 0.07
N ARG B 273 -40.12 11.01 0.20
CA ARG B 273 -40.38 12.34 0.76
C ARG B 273 -40.10 13.53 -0.12
N CYS B 274 -38.85 13.67 -0.58
CA CYS B 274 -38.50 14.81 -1.46
C CYS B 274 -37.22 14.58 -2.24
N GLY B 275 -37.05 15.33 -3.32
CA GLY B 275 -35.75 15.44 -3.95
C GLY B 275 -35.20 16.77 -3.57
N ILE B 276 -33.89 16.84 -3.35
CA ILE B 276 -33.21 18.11 -3.02
C ILE B 276 -32.08 18.33 -3.97
N GLY B 277 -31.96 19.53 -4.50
CA GLY B 277 -30.79 19.88 -5.25
C GLY B 277 -30.17 21.13 -4.67
N VAL B 278 -28.86 21.07 -4.43
CA VAL B 278 -28.09 22.22 -3.93
C VAL B 278 -26.87 22.47 -4.83
N PHE B 279 -26.54 23.75 -5.01
CA PHE B 279 -25.26 24.16 -5.55
C PHE B 279 -24.65 25.25 -4.69
N GLY B 280 -23.44 25.02 -4.17
CA GLY B 280 -22.65 26.04 -3.48
C GLY B 280 -21.19 25.77 -3.83
N PRO B 281 -20.60 26.56 -4.76
CA PRO B 281 -19.24 26.39 -5.30
C PRO B 281 -18.06 26.39 -4.30
N ALA B 282 -18.24 27.01 -3.15
CA ALA B 282 -17.26 27.04 -2.05
C ALA B 282 -17.22 25.71 -1.36
N LEU B 283 -16.13 24.97 -1.59
CA LEU B 283 -15.90 23.64 -1.05
C LEU B 283 -15.12 23.71 0.26
N ASP B 284 -15.42 22.77 1.16
CA ASP B 284 -14.58 22.42 2.31
C ASP B 284 -13.34 21.66 1.82
N ASP B 285 -12.51 21.18 2.75
CA ASP B 285 -11.21 20.63 2.37
C ASP B 285 -11.29 19.16 1.90
N LYS B 286 -12.49 18.59 1.99
CA LYS B 286 -12.78 17.28 1.48
C LYS B 286 -13.42 17.35 0.09
N GLY B 287 -13.58 18.57 -0.45
CA GLY B 287 -14.12 18.76 -1.79
C GLY B 287 -15.64 18.63 -1.92
N ASN B 288 -16.37 18.74 -0.79
CA ASN B 288 -17.82 18.84 -0.81
C ASN B 288 -18.20 20.28 -0.54
N SER B 289 -19.35 20.73 -1.08
CA SER B 289 -19.84 22.07 -0.84
C SER B 289 -19.93 22.41 0.64
N LEU B 290 -19.22 23.44 1.07
CA LEU B 290 -19.23 23.79 2.50
C LEU B 290 -20.53 24.45 2.88
N THR B 291 -20.89 25.46 2.11
CA THR B 291 -22.18 26.13 2.21
C THR B 291 -23.34 25.15 2.00
N GLY B 292 -23.21 24.27 0.98
CA GLY B 292 -24.22 23.24 0.74
C GLY B 292 -24.48 22.30 1.89
N VAL B 293 -23.42 21.70 2.45
CA VAL B 293 -23.56 20.80 3.60
C VAL B 293 -24.12 21.54 4.83
N LYS B 294 -23.67 22.75 5.15
CA LYS B 294 -24.29 23.50 6.30
C LYS B 294 -25.79 23.72 6.13
N LEU B 295 -26.15 24.05 4.90
CA LEU B 295 -27.56 24.24 4.59
C LEU B 295 -28.32 22.95 4.79
N LEU B 296 -27.76 21.82 4.34
CA LEU B 296 -28.46 20.54 4.46
C LEU B 296 -28.52 20.05 5.91
N GLU B 297 -27.48 20.30 6.70
CA GLU B 297 -27.59 20.00 8.17
C GLU B 297 -28.78 20.75 8.82
N ARG B 298 -28.97 22.03 8.45
CA ARG B 298 -30.01 22.84 9.05
C ARG B 298 -31.35 22.24 8.65
N LEU B 299 -31.50 21.91 7.36
CA LEU B 299 -32.74 21.37 6.82
C LEU B 299 -33.08 20.00 7.40
N SER B 300 -32.08 19.14 7.54
CA SER B 300 -32.32 17.80 8.09
C SER B 300 -32.83 17.89 9.52
N LYS B 301 -32.17 18.73 10.32
CA LYS B 301 -32.61 19.00 11.69
C LYS B 301 -34.07 19.51 11.75
N THR B 302 -34.37 20.52 10.92
CA THR B 302 -35.70 21.16 10.90
C THR B 302 -36.81 20.21 10.47
N TYR B 303 -36.55 19.40 9.44
CA TYR B 303 -37.59 18.53 8.93
C TYR B 303 -37.42 17.05 9.27
N SER B 304 -36.47 16.70 10.16
CA SER B 304 -36.20 15.31 10.57
C SER B 304 -36.06 14.40 9.34
N LEU B 305 -35.14 14.76 8.47
CA LEU B 305 -35.01 14.07 7.18
C LEU B 305 -34.27 12.74 7.27
N SER B 306 -33.50 12.56 8.35
CA SER B 306 -32.58 11.41 8.41
C SER B 306 -33.32 10.13 8.31
N ILE B 307 -32.77 9.21 7.51
CA ILE B 307 -33.34 7.87 7.33
C ILE B 307 -32.93 6.89 8.42
N PHE B 308 -31.99 7.31 9.24
CA PHE B 308 -31.52 6.50 10.30
C PHE B 308 -32.45 6.67 11.49
N TYR C 4 -46.22 -9.47 11.44
CA TYR C 4 -45.27 -10.64 11.39
C TYR C 4 -45.93 -11.89 11.96
N ASN C 5 -46.16 -12.86 11.09
CA ASN C 5 -46.79 -14.13 11.48
C ASN C 5 -45.73 -15.18 11.89
N GLN C 6 -45.91 -15.78 13.09
CA GLN C 6 -45.03 -16.84 13.62
C GLN C 6 -44.78 -17.98 12.65
N GLU C 7 -45.86 -18.55 12.15
CA GLU C 7 -45.77 -19.69 11.25
C GLU C 7 -45.17 -19.30 9.92
N GLU C 8 -45.41 -18.07 9.45
CA GLU C 8 -44.68 -17.56 8.28
C GLU C 8 -43.18 -17.51 8.63
N LEU C 9 -42.85 -17.09 9.85
CA LEU C 9 -41.44 -17.07 10.27
C LEU C 9 -40.77 -18.45 10.27
N VAL C 10 -41.48 -19.47 10.73
CA VAL C 10 -40.95 -20.84 10.77
C VAL C 10 -40.64 -21.31 9.34
N ARG C 11 -41.48 -20.94 8.37
CA ARG C 11 -41.28 -21.42 6.98
C ARG C 11 -40.08 -20.73 6.37
N PHE C 12 -39.93 -19.44 6.67
CA PHE C 12 -38.76 -18.71 6.24
C PHE C 12 -37.47 -19.34 6.76
N VAL C 13 -37.44 -19.70 8.03
CA VAL C 13 -36.25 -20.31 8.66
C VAL C 13 -35.85 -21.66 8.07
N GLU C 14 -36.87 -22.46 7.75
CA GLU C 14 -36.60 -23.76 7.12
C GLU C 14 -36.09 -23.59 5.67
N GLU C 15 -36.62 -22.60 4.93
CA GLU C 15 -36.09 -22.23 3.60
C GLU C 15 -34.59 -21.81 3.70
N ALA C 16 -34.24 -21.03 4.72
CA ALA C 16 -32.89 -20.53 4.85
C ALA C 16 -31.93 -21.62 5.30
N LYS C 17 -32.43 -22.57 6.08
CA LYS C 17 -31.61 -23.70 6.50
C LYS C 17 -31.11 -24.56 5.33
N GLN C 18 -31.77 -24.45 4.16
CA GLN C 18 -31.31 -25.18 2.98
C GLN C 18 -29.93 -24.69 2.54
N TYR C 19 -29.57 -23.47 2.94
CA TYR C 19 -28.28 -22.95 2.58
C TYR C 19 -27.12 -23.41 3.48
N ALA C 20 -27.40 -24.03 4.62
CA ALA C 20 -26.34 -24.37 5.60
C ALA C 20 -25.15 -25.14 5.03
N ARG C 21 -25.43 -26.05 4.09
CA ARG C 21 -24.40 -26.93 3.48
C ARG C 21 -23.39 -26.13 2.69
N TYR C 22 -23.81 -24.96 2.20
CA TYR C 22 -22.92 -24.12 1.40
C TYR C 22 -22.03 -23.21 2.23
N GLY C 23 -22.26 -23.19 3.54
CA GLY C 23 -21.44 -22.39 4.45
C GLY C 23 -20.53 -23.22 5.33
N LYS C 24 -19.84 -22.57 6.27
CA LYS C 24 -18.98 -23.26 7.21
C LYS C 24 -18.74 -22.39 8.44
N VAL C 25 -18.63 -23.03 9.59
CA VAL C 25 -18.53 -22.27 10.81
C VAL C 25 -17.11 -21.79 10.87
N ALA C 26 -16.90 -20.71 11.63
CA ALA C 26 -15.56 -20.19 11.92
C ALA C 26 -14.79 -21.17 12.83
N ASP C 27 -13.64 -21.67 12.38
CA ASP C 27 -12.84 -22.61 13.20
C ASP C 27 -11.50 -21.98 13.58
N TYR C 28 -11.30 -20.72 13.18
CA TYR C 28 -10.06 -20.01 13.45
C TYR C 28 -9.99 -19.58 14.93
N ILE C 29 -11.15 -19.33 15.54
CA ILE C 29 -11.31 -19.36 17.01
C ILE C 29 -11.81 -20.76 17.32
N PRO C 30 -10.92 -21.62 17.82
CA PRO C 30 -11.30 -23.03 17.99
C PRO C 30 -12.67 -23.33 18.65
N ALA C 31 -13.06 -22.62 19.70
CA ALA C 31 -14.33 -22.92 20.36
C ALA C 31 -15.51 -22.63 19.48
N LEU C 32 -15.34 -21.69 18.56
CA LEU C 32 -16.36 -21.40 17.56
C LEU C 32 -16.56 -22.54 16.52
N GLY C 33 -15.49 -23.26 16.18
CA GLY C 33 -15.62 -24.42 15.29
C GLY C 33 -16.51 -25.52 15.87
N LYS C 34 -16.96 -25.34 17.11
CA LYS C 34 -17.78 -26.39 17.73
C LYS C 34 -19.25 -26.17 17.52
N ALA C 35 -19.59 -25.04 16.88
CA ALA C 35 -20.98 -24.68 16.68
C ALA C 35 -21.59 -25.52 15.57
N ASN C 36 -22.93 -25.55 15.56
CA ASN C 36 -23.68 -26.36 14.60
C ASN C 36 -24.06 -25.53 13.39
N PRO C 37 -23.52 -25.84 12.18
CA PRO C 37 -23.85 -25.08 10.98
C PRO C 37 -25.30 -25.14 10.55
N ASN C 38 -26.04 -26.12 11.08
CA ASN C 38 -27.46 -26.28 10.76
C ASN C 38 -28.38 -25.40 11.61
N GLU C 39 -27.90 -24.88 12.74
CA GLU C 39 -28.79 -24.06 13.57
C GLU C 39 -29.01 -22.70 12.95
N LEU C 40 -30.21 -22.15 13.18
CA LEU C 40 -30.63 -20.83 12.74
C LEU C 40 -31.81 -20.40 13.63
N SER C 41 -31.71 -19.21 14.19
CA SER C 41 -32.78 -18.70 15.01
C SER C 41 -32.95 -17.26 14.65
N ILE C 42 -34.19 -16.80 14.69
CA ILE C 42 -34.47 -15.37 14.48
C ILE C 42 -35.52 -14.90 15.46
N ALA C 43 -35.38 -13.66 15.93
CA ALA C 43 -36.46 -12.99 16.64
C ALA C 43 -36.66 -11.63 16.07
N ILE C 44 -37.91 -11.22 15.98
CA ILE C 44 -38.27 -9.88 15.53
C ILE C 44 -39.06 -9.22 16.65
N TYR C 45 -38.59 -8.05 17.12
CA TYR C 45 -39.22 -7.31 18.23
C TYR C 45 -39.80 -6.03 17.73
N THR C 46 -41.03 -5.71 18.13
CA THR C 46 -41.75 -4.59 17.55
C THR C 46 -42.07 -3.56 18.63
N PRO C 47 -42.36 -2.30 18.22
CA PRO C 47 -42.56 -1.17 19.14
C PRO C 47 -43.67 -1.34 20.20
N ASP C 48 -44.67 -2.18 19.94
CA ASP C 48 -45.67 -2.54 20.94
C ASP C 48 -45.07 -3.55 21.96
N ASP C 49 -43.73 -3.68 21.94
CA ASP C 49 -42.99 -4.50 22.90
C ASP C 49 -43.33 -5.99 22.82
N GLU C 50 -43.83 -6.45 21.68
CA GLU C 50 -44.00 -7.89 21.42
C GLU C 50 -42.86 -8.45 20.55
N VAL C 51 -42.59 -9.75 20.68
CA VAL C 51 -41.56 -10.47 19.94
C VAL C 51 -42.10 -11.75 19.30
N VAL C 52 -41.73 -12.02 18.05
CA VAL C 52 -42.00 -13.32 17.44
C VAL C 52 -40.64 -13.91 17.09
N SER C 53 -40.51 -15.22 17.24
CA SER C 53 -39.30 -15.87 16.92
C SER C 53 -39.57 -17.24 16.30
N ALA C 54 -38.51 -17.81 15.73
CA ALA C 54 -38.52 -19.11 15.12
C ALA C 54 -37.12 -19.68 15.08
N GLY C 55 -37.06 -20.99 14.90
CA GLY C 55 -35.83 -21.77 14.83
C GLY C 55 -35.31 -22.13 16.19
N ASP C 56 -33.98 -22.12 16.28
CA ASP C 56 -33.27 -22.62 17.47
C ASP C 56 -33.06 -21.54 18.58
N VAL C 57 -34.18 -20.95 19.00
CA VAL C 57 -34.24 -19.77 19.86
C VAL C 57 -33.70 -19.93 21.31
N THR C 58 -33.39 -21.16 21.70
CA THR C 58 -32.78 -21.36 23.03
C THR C 58 -31.26 -21.44 22.99
N VAL C 59 -30.66 -21.40 21.79
CA VAL C 59 -29.22 -21.45 21.78
C VAL C 59 -28.67 -20.05 22.09
N LYS C 60 -27.72 -20.00 23.04
CA LYS C 60 -26.99 -18.76 23.37
C LYS C 60 -25.74 -18.70 22.50
N VAL C 61 -25.47 -17.56 21.88
CA VAL C 61 -24.36 -17.46 20.92
C VAL C 61 -23.61 -16.15 21.23
N THR C 62 -22.31 -16.12 21.02
CA THR C 62 -21.50 -14.93 21.34
C THR C 62 -21.77 -13.82 20.31
N LEU C 63 -21.68 -12.56 20.75
CA LEU C 63 -21.76 -11.42 19.85
C LEU C 63 -20.64 -11.31 18.80
N GLN C 64 -19.42 -11.59 19.23
CA GLN C 64 -18.23 -11.28 18.46
C GLN C 64 -18.29 -9.80 18.05
N SER C 65 -18.18 -9.48 16.75
CA SER C 65 -18.08 -8.10 16.34
C SER C 65 -19.33 -7.28 16.57
N ILE C 66 -20.45 -7.95 16.75
CA ILE C 66 -21.65 -7.22 17.14
C ILE C 66 -21.41 -6.40 18.42
N SER C 67 -20.51 -6.86 19.29
CA SER C 67 -20.25 -6.19 20.59
C SER C 67 -19.57 -4.83 20.41
N LYS C 68 -18.98 -4.57 19.22
CA LYS C 68 -18.32 -3.29 18.90
C LYS C 68 -19.32 -2.14 18.86
N ILE C 69 -20.54 -2.43 18.44
CA ILE C 69 -21.61 -1.45 18.45
C ILE C 69 -22.06 -1.12 19.86
N ILE C 70 -22.19 -2.13 20.70
CA ILE C 70 -22.53 -1.93 22.12
C ILE C 70 -21.42 -1.09 22.83
N ALA C 71 -20.17 -1.46 22.63
CA ALA C 71 -19.05 -0.75 23.24
C ALA C 71 -18.94 0.68 22.80
N LEU C 72 -19.20 0.91 21.51
CA LEU C 72 -19.18 2.27 20.99
C LEU C 72 -20.31 3.10 21.63
N ALA C 73 -21.52 2.54 21.78
CA ALA C 73 -22.61 3.25 22.46
C ALA C 73 -22.20 3.66 23.87
N LEU C 74 -21.71 2.72 24.64
CA LEU C 74 -21.27 2.97 26.02
C LEU C 74 -20.24 4.10 26.13
N VAL C 75 -19.17 3.98 25.35
CA VAL C 75 -18.12 4.95 25.27
C VAL C 75 -18.61 6.32 24.79
N LEU C 76 -19.47 6.36 23.79
CA LEU C 76 -20.05 7.63 23.41
C LEU C 76 -20.83 8.31 24.57
N ILE C 77 -21.60 7.54 25.32
CA ILE C 77 -22.29 8.09 26.52
C ILE C 77 -21.23 8.58 27.54
N ASP C 78 -20.31 7.70 27.93
CA ASP C 78 -19.31 7.96 28.97
C ASP C 78 -18.26 9.05 28.67
N ARG C 79 -17.74 9.09 27.45
CA ARG C 79 -16.63 10.00 27.08
C ARG C 79 -17.10 11.17 26.20
N GLY C 80 -18.23 10.99 25.53
CA GLY C 80 -18.72 12.00 24.62
C GLY C 80 -18.24 11.84 23.19
N GLU C 81 -19.07 12.31 22.28
CA GLU C 81 -18.80 12.28 20.82
C GLU C 81 -17.47 12.89 20.43
N ASP C 82 -17.13 14.06 20.99
CA ASP C 82 -15.92 14.83 20.58
C ASP C 82 -14.63 14.07 20.83
N GLU C 83 -14.51 13.49 22.01
CA GLU C 83 -13.36 12.70 22.37
C GLU C 83 -13.33 11.38 21.59
N VAL C 84 -14.47 10.68 21.43
CA VAL C 84 -14.47 9.43 20.64
C VAL C 84 -13.95 9.70 19.21
N PHE C 85 -14.43 10.74 18.56
CA PHE C 85 -14.04 10.96 17.18
C PHE C 85 -12.79 11.80 17.03
N HIS C 86 -12.13 12.11 18.15
CA HIS C 86 -10.79 12.61 18.05
C HIS C 86 -9.85 11.38 17.95
N LYS C 87 -10.21 10.30 18.61
CA LYS C 87 -9.36 9.09 18.60
C LYS C 87 -9.60 8.12 17.46
N VAL C 88 -10.82 8.02 16.94
CA VAL C 88 -11.14 7.16 15.77
C VAL C 88 -11.93 7.96 14.71
N GLY C 89 -11.87 7.59 13.44
CA GLY C 89 -12.66 8.30 12.43
C GLY C 89 -14.12 7.86 12.29
N MET C 90 -14.79 8.43 11.31
CA MET C 90 -16.17 8.09 10.99
C MET C 90 -16.36 7.51 9.59
N GLU C 91 -15.28 7.20 8.90
CA GLU C 91 -15.34 6.85 7.46
C GLU C 91 -15.23 5.34 7.17
N PRO C 92 -16.06 4.82 6.24
CA PRO C 92 -15.82 3.49 5.72
C PRO C 92 -14.61 3.54 4.80
N LYS C 109 -4.26 6.75 13.32
CA LYS C 109 -5.70 7.02 13.62
C LYS C 109 -6.68 6.08 12.84
N PRO C 110 -7.31 5.17 13.58
CA PRO C 110 -8.18 4.15 12.98
C PRO C 110 -9.31 4.77 12.23
N LEU C 111 -9.62 4.16 11.08
CA LEU C 111 -10.63 4.67 10.16
C LEU C 111 -11.99 4.86 10.80
N ASN C 112 -12.43 3.87 11.56
CA ASN C 112 -13.74 3.89 12.21
C ASN C 112 -13.73 2.93 13.38
N PRO C 113 -14.78 2.96 14.23
CA PRO C 113 -14.92 2.06 15.36
C PRO C 113 -15.32 0.61 14.99
N MET C 114 -15.54 0.33 13.71
CA MET C 114 -15.99 -1.01 13.33
C MET C 114 -14.85 -1.95 12.97
N ILE C 115 -13.77 -1.42 12.39
CA ILE C 115 -12.60 -2.23 12.09
C ILE C 115 -11.89 -2.56 13.41
N ASN C 116 -11.16 -3.68 13.43
CA ASN C 116 -10.51 -4.13 14.66
C ASN C 116 -9.65 -3.08 15.34
N ALA C 117 -8.87 -2.28 14.58
CA ALA C 117 -8.04 -1.26 15.20
C ALA C 117 -8.87 -0.19 15.90
N GLY C 118 -9.96 0.29 15.30
CA GLY C 118 -10.80 1.27 15.98
C GLY C 118 -11.56 0.66 17.15
N ALA C 119 -12.01 -0.60 17.01
CA ALA C 119 -12.75 -1.27 18.09
C ALA C 119 -11.88 -1.38 19.36
N LEU C 120 -10.59 -1.63 19.16
CA LEU C 120 -9.62 -1.79 20.26
C LEU C 120 -9.45 -0.46 20.96
N VAL C 121 -9.39 0.61 20.17
CA VAL C 121 -9.35 1.95 20.75
C VAL C 121 -10.63 2.27 21.55
N VAL C 122 -11.80 1.96 20.99
CA VAL C 122 -13.07 2.13 21.70
C VAL C 122 -13.07 1.39 23.04
N THR C 123 -12.73 0.11 23.00
CA THR C 123 -12.66 -0.74 24.18
C THR C 123 -11.67 -0.21 25.27
N SER C 124 -10.52 0.27 24.84
CA SER C 124 -9.56 0.93 25.74
C SER C 124 -10.10 2.18 26.41
N MET C 125 -11.22 2.70 25.93
CA MET C 125 -11.82 3.94 26.48
C MET C 125 -12.89 3.66 27.53
N ILE C 126 -13.23 2.39 27.71
CA ILE C 126 -14.17 2.02 28.75
C ILE C 126 -13.54 2.30 30.13
N GLN C 127 -14.22 3.08 30.96
CA GLN C 127 -13.65 3.50 32.26
C GLN C 127 -13.84 2.50 33.37
N GLY C 128 -12.98 2.61 34.40
CA GLY C 128 -12.93 1.65 35.51
C GLY C 128 -11.49 1.36 35.89
N GLY C 129 -11.28 0.91 37.13
CA GLY C 129 -9.92 0.64 37.62
C GLY C 129 -9.36 -0.75 37.36
N SER C 130 -10.22 -1.63 36.88
CA SER C 130 -9.88 -3.01 36.76
C SER C 130 -10.50 -3.48 35.47
N VAL C 131 -10.05 -4.61 34.95
CA VAL C 131 -10.69 -5.28 33.81
C VAL C 131 -12.07 -5.75 34.23
N SER C 132 -12.19 -6.28 35.44
CA SER C 132 -13.47 -6.80 35.89
C SER C 132 -14.49 -5.67 36.07
N GLU C 133 -14.04 -4.48 36.47
CA GLU C 133 -14.92 -3.33 36.61
C GLU C 133 -15.33 -2.73 35.26
N ARG C 134 -14.39 -2.69 34.33
CA ARG C 134 -14.62 -2.18 32.97
C ARG C 134 -15.63 -3.09 32.32
N LEU C 135 -15.40 -4.39 32.42
CA LEU C 135 -16.33 -5.39 31.90
C LEU C 135 -17.75 -5.33 32.49
N GLU C 136 -17.85 -5.20 33.82
CA GLU C 136 -19.11 -5.09 34.52
C GLU C 136 -19.96 -3.92 34.03
N ARG C 137 -19.33 -2.78 33.80
CA ARG C 137 -19.98 -1.65 33.19
C ARG C 137 -20.54 -1.95 31.78
N LEU C 138 -19.81 -2.76 31.01
CA LEU C 138 -20.27 -3.19 29.69
C LEU C 138 -21.47 -4.09 29.82
N LEU C 139 -21.37 -5.09 30.70
CA LEU C 139 -22.44 -6.06 30.94
C LEU C 139 -23.68 -5.43 31.53
N ALA C 140 -23.52 -4.54 32.51
CA ALA C 140 -24.68 -3.79 33.03
C ALA C 140 -25.47 -3.13 31.89
N PHE C 141 -24.76 -2.35 31.08
CA PHE C 141 -25.36 -1.72 29.89
C PHE C 141 -26.01 -2.74 28.95
N VAL C 142 -25.32 -3.81 28.56
CA VAL C 142 -25.96 -4.80 27.66
C VAL C 142 -27.22 -5.45 28.28
N ARG C 143 -27.14 -5.75 29.58
CA ARG C 143 -28.31 -6.28 30.32
C ARG C 143 -29.50 -5.32 30.30
N ARG C 144 -29.27 -4.01 30.35
CA ARG C 144 -30.36 -3.04 30.27
C ARG C 144 -30.95 -2.97 28.82
N LEU C 145 -30.06 -3.02 27.83
CA LEU C 145 -30.44 -2.96 26.43
C LEU C 145 -31.30 -4.15 26.09
N ALA C 146 -30.86 -5.32 26.53
CA ALA C 146 -31.49 -6.59 26.23
C ALA C 146 -32.74 -6.89 27.08
N GLY C 147 -32.93 -6.13 28.16
CA GLY C 147 -34.02 -6.40 29.11
C GLY C 147 -33.87 -7.76 29.75
N ASN C 148 -32.62 -8.23 29.90
CA ASN C 148 -32.32 -9.51 30.55
C ASN C 148 -31.08 -9.42 31.48
N GLU C 149 -31.29 -9.60 32.78
CA GLU C 149 -30.23 -9.30 33.73
C GLU C 149 -29.28 -10.43 33.93
N ARG C 150 -29.61 -11.59 33.39
CA ARG C 150 -28.73 -12.73 33.46
C ARG C 150 -27.62 -12.82 32.37
N ILE C 151 -27.57 -11.87 31.43
CA ILE C 151 -26.56 -11.94 30.33
C ILE C 151 -25.14 -11.89 30.91
N SER C 152 -24.30 -12.87 30.52
CA SER C 152 -22.85 -12.89 30.80
C SER C 152 -22.05 -13.34 29.57
N TYR C 153 -20.78 -13.67 29.76
CA TYR C 153 -19.94 -14.03 28.62
C TYR C 153 -19.55 -15.48 28.71
N SER C 154 -19.21 -16.05 27.57
CA SER C 154 -18.80 -17.42 27.52
C SER C 154 -17.33 -17.46 27.80
N ASP C 155 -16.97 -18.11 28.91
CA ASP C 155 -15.59 -18.21 29.39
C ASP C 155 -14.75 -19.06 28.43
N GLU C 156 -15.33 -20.13 27.94
CA GLU C 156 -14.67 -20.99 26.98
C GLU C 156 -14.28 -20.24 25.65
N VAL C 157 -15.20 -19.46 25.09
CA VAL C 157 -14.97 -18.66 23.88
C VAL C 157 -13.98 -17.50 24.16
N ALA C 158 -14.15 -16.78 25.28
CA ALA C 158 -13.20 -15.76 25.64
C ALA C 158 -11.76 -16.28 25.74
N ARG C 159 -11.54 -17.42 26.40
CA ARG C 159 -10.23 -18.08 26.43
C ARG C 159 -9.71 -18.51 25.09
N SER C 160 -10.56 -19.12 24.25
CA SER C 160 -10.14 -19.59 22.92
C SER C 160 -9.66 -18.36 22.13
N GLU C 161 -10.41 -17.26 22.16
CA GLU C 161 -9.99 -16.04 21.46
C GLU C 161 -8.68 -15.49 22.04
N PHE C 162 -8.58 -15.41 23.37
CA PHE C 162 -7.40 -14.87 24.03
C PHE C 162 -6.10 -15.61 23.70
N GLU C 163 -6.17 -16.93 23.62
CA GLU C 163 -5.02 -17.77 23.29
C GLU C 163 -4.54 -17.67 21.84
N THR C 164 -5.42 -17.25 20.92
CA THR C 164 -5.15 -17.25 19.47
C THR C 164 -5.07 -15.85 18.80
N ALA C 165 -5.30 -14.79 19.56
CA ALA C 165 -5.57 -13.46 18.98
C ALA C 165 -4.27 -12.71 18.63
N PHE C 166 -3.56 -13.20 17.61
CA PHE C 166 -2.26 -12.63 17.26
C PHE C 166 -2.37 -11.29 16.53
N LEU C 167 -3.25 -11.22 15.53
CA LEU C 167 -3.42 -9.98 14.81
C LEU C 167 -3.93 -8.88 15.73
N ASN C 168 -4.91 -9.16 16.60
CA ASN C 168 -5.32 -8.10 17.53
C ASN C 168 -4.23 -7.59 18.45
N ARG C 169 -3.35 -8.47 18.94
CA ARG C 169 -2.18 -8.00 19.71
C ARG C 169 -1.19 -7.19 18.91
N SER C 170 -0.99 -7.58 17.65
CA SER C 170 -0.20 -6.77 16.75
C SER C 170 -0.76 -5.34 16.61
N LEU C 171 -2.06 -5.22 16.38
CA LEU C 171 -2.72 -3.93 16.34
C LEU C 171 -2.54 -3.11 17.60
N CYS C 172 -2.68 -3.75 18.76
CA CYS C 172 -2.52 -3.09 20.06
C CYS C 172 -1.14 -2.54 20.24
N TYR C 173 -0.11 -3.31 19.92
CA TYR C 173 1.26 -2.80 20.02
C TYR C 173 1.57 -1.68 19.03
N PHE C 174 1.01 -1.75 17.83
CA PHE C 174 1.06 -0.62 16.88
C PHE C 174 0.38 0.68 17.38
N LEU C 175 -0.84 0.55 17.92
CA LEU C 175 -1.56 1.67 18.61
C LEU C 175 -0.74 2.25 19.80
N LYS C 176 -0.10 1.36 20.55
CA LYS C 176 0.81 1.81 21.65
C LYS C 176 2.03 2.55 21.12
N GLN C 177 2.62 2.04 20.04
CA GLN C 177 3.77 2.71 19.43
C GLN C 177 3.47 4.17 19.03
N HIS C 178 2.29 4.40 18.46
CA HIS C 178 1.91 5.71 17.96
C HIS C 178 1.10 6.50 18.98
N ARG C 179 1.14 6.04 20.22
CA ARG C 179 0.52 6.75 21.29
C ARG C 179 -0.91 7.05 20.89
N ILE C 180 -1.68 6.01 20.57
CA ILE C 180 -3.11 6.17 20.40
C ILE C 180 -3.73 5.50 21.63
N ILE C 181 -3.13 4.43 22.11
CA ILE C 181 -3.53 3.88 23.42
C ILE C 181 -2.30 3.85 24.34
N ASP C 182 -2.52 3.82 25.64
CA ASP C 182 -1.41 3.52 26.57
C ASP C 182 -1.88 2.59 27.69
N GLU C 183 -2.35 1.42 27.31
CA GLU C 183 -2.85 0.48 28.27
C GLU C 183 -1.99 -0.75 28.10
N ASP C 184 -1.89 -1.53 29.17
CA ASP C 184 -1.24 -2.83 29.10
C ASP C 184 -1.98 -3.68 28.07
N VAL C 185 -1.25 -4.29 27.15
CA VAL C 185 -1.91 -4.96 26.03
C VAL C 185 -2.64 -6.20 26.51
N GLU C 186 -2.03 -6.97 27.43
CA GLU C 186 -2.72 -8.17 27.96
C GLU C 186 -4.02 -7.80 28.67
N GLU C 187 -4.04 -6.71 29.41
CA GLU C 187 -5.26 -6.22 30.07
C GLU C 187 -6.33 -5.79 29.07
N LEU C 188 -5.94 -5.00 28.08
CA LEU C 188 -6.84 -4.65 26.99
C LEU C 188 -7.46 -5.89 26.28
N MET C 189 -6.63 -6.88 25.96
CA MET C 189 -7.09 -8.05 25.25
C MET C 189 -7.96 -8.97 26.13
N GLU C 190 -7.68 -9.05 27.43
CA GLU C 190 -8.58 -9.73 28.38
C GLU C 190 -9.99 -9.10 28.35
N LEU C 191 -10.05 -7.77 28.35
CA LEU C 191 -11.29 -7.06 28.28
C LEU C 191 -11.98 -7.26 26.91
N TYR C 192 -11.20 -7.09 25.84
CA TYR C 192 -11.73 -7.21 24.51
C TYR C 192 -12.27 -8.61 24.19
N THR C 193 -11.58 -9.65 24.61
CA THR C 193 -12.03 -11.04 24.34
C THR C 193 -13.31 -11.35 25.13
N LYS C 194 -13.40 -10.81 26.33
CA LYS C 194 -14.63 -11.01 27.12
C LYS C 194 -15.80 -10.29 26.51
N GLN C 195 -15.58 -9.10 26.00
CA GLN C 195 -16.61 -8.28 25.33
C GLN C 195 -17.19 -9.05 24.14
N CYS C 196 -16.30 -9.62 23.33
CA CYS C 196 -16.70 -10.32 22.12
C CYS C 196 -17.36 -11.64 22.53
N ALA C 197 -17.06 -12.17 23.74
CA ALA C 197 -17.65 -13.46 24.11
C ALA C 197 -18.98 -13.33 24.87
N ILE C 198 -19.50 -12.10 25.03
CA ILE C 198 -20.84 -11.86 25.60
C ILE C 198 -21.85 -12.69 24.80
N GLU C 199 -22.69 -13.47 25.49
CA GLU C 199 -23.59 -14.35 24.78
C GLU C 199 -25.06 -14.21 25.24
N MET C 200 -25.97 -14.48 24.30
CA MET C 200 -27.39 -14.27 24.43
C MET C 200 -28.13 -15.01 23.29
N THR C 201 -29.44 -15.09 23.45
CA THR C 201 -30.29 -15.71 22.42
C THR C 201 -30.65 -14.65 21.40
N CYS C 202 -31.21 -15.06 20.24
CA CYS C 202 -31.72 -14.11 19.25
C CYS C 202 -32.78 -13.13 19.79
N ILE C 203 -33.57 -13.59 20.75
CA ILE C 203 -34.57 -12.77 21.41
C ILE C 203 -33.98 -11.57 22.15
N ASP C 204 -32.96 -11.78 22.95
CA ASP C 204 -32.23 -10.68 23.62
C ASP C 204 -31.58 -9.73 22.61
N LEU C 205 -30.94 -10.30 21.60
CA LEU C 205 -30.33 -9.52 20.51
C LEU C 205 -31.32 -8.66 19.75
N ALA C 206 -32.48 -9.25 19.40
CA ALA C 206 -33.55 -8.50 18.78
C ALA C 206 -34.04 -7.30 19.65
N ARG C 207 -34.06 -7.47 20.97
CA ARG C 207 -34.48 -6.40 21.85
C ARG C 207 -33.51 -5.24 21.80
N ILE C 208 -32.21 -5.58 21.71
CA ILE C 208 -31.19 -4.54 21.54
C ILE C 208 -31.48 -3.84 20.21
N GLY C 209 -31.77 -4.61 19.18
CA GLY C 209 -32.01 -3.99 17.89
C GLY C 209 -33.18 -3.03 18.00
N LEU C 210 -34.21 -3.41 18.76
CA LEU C 210 -35.41 -2.56 18.86
C LEU C 210 -35.13 -1.29 19.62
N VAL C 211 -34.27 -1.33 20.64
CA VAL C 211 -33.88 -0.14 21.38
C VAL C 211 -33.25 0.86 20.40
N LEU C 212 -32.36 0.35 19.53
CA LEU C 212 -31.75 1.20 18.45
C LEU C 212 -32.80 1.76 17.51
N ALA C 213 -33.69 0.91 17.03
CA ALA C 213 -34.75 1.31 16.10
C ALA C 213 -35.68 2.37 16.69
N LEU C 214 -35.76 2.43 18.01
CA LEU C 214 -36.64 3.38 18.72
C LEU C 214 -35.80 4.53 19.23
N ASP C 215 -34.64 4.73 18.61
CA ASP C 215 -33.75 5.83 18.92
C ASP C 215 -33.31 5.88 20.39
N GLY C 216 -33.07 4.72 20.97
CA GLY C 216 -32.46 4.61 22.28
C GLY C 216 -33.42 4.42 23.43
N ARG C 217 -34.70 4.37 23.11
CA ARG C 217 -35.72 4.27 24.13
C ARG C 217 -35.97 2.82 24.50
N ASP C 218 -36.25 2.56 25.78
CA ASP C 218 -36.61 1.21 26.22
C ASP C 218 -38.05 0.93 25.74
N PRO C 219 -38.28 -0.22 25.06
CA PRO C 219 -39.63 -0.52 24.51
C PRO C 219 -40.74 -0.88 25.52
N HIS C 220 -40.36 -1.27 26.74
CA HIS C 220 -41.33 -1.67 27.74
C HIS C 220 -41.81 -0.48 28.55
N SER C 221 -40.87 0.39 28.92
CA SER C 221 -41.12 1.49 29.85
C SER C 221 -40.94 2.84 29.18
N SER C 222 -40.51 2.80 27.93
CA SER C 222 -40.26 4.00 27.10
C SER C 222 -39.23 5.01 27.62
N GLU C 223 -38.41 4.66 28.62
CA GLU C 223 -37.34 5.60 29.03
C GLU C 223 -36.02 5.41 28.26
N PRO C 224 -35.16 6.43 28.19
CA PRO C 224 -34.01 6.39 27.28
C PRO C 224 -32.77 5.64 27.82
N LEU C 225 -32.50 4.45 27.24
CA LEU C 225 -31.31 3.67 27.59
C LEU C 225 -29.99 4.24 26.99
N MET C 226 -30.14 5.03 25.92
CA MET C 226 -29.03 5.80 25.34
C MET C 226 -29.65 7.02 24.69
N PRO C 227 -28.86 8.09 24.55
CA PRO C 227 -29.40 9.21 23.83
C PRO C 227 -29.71 8.88 22.37
N LEU C 228 -30.61 9.68 21.81
CA LEU C 228 -31.00 9.55 20.42
C LEU C 228 -29.79 9.69 19.53
N ASP C 229 -28.91 10.68 19.81
CA ASP C 229 -27.77 10.95 18.92
C ASP C 229 -26.80 9.75 18.85
N VAL C 230 -26.70 9.01 19.94
CA VAL C 230 -25.86 7.81 20.07
C VAL C 230 -26.45 6.66 19.28
N ALA C 231 -27.76 6.43 19.41
CA ALA C 231 -28.48 5.40 18.61
C ALA C 231 -28.34 5.66 17.09
N ARG C 232 -28.51 6.93 16.69
CA ARG C 232 -28.30 7.32 15.29
C ARG C 232 -26.88 7.00 14.82
N ILE C 233 -25.88 7.44 15.56
CA ILE C 233 -24.47 7.11 15.22
C ILE C 233 -24.18 5.61 14.98
N CYS C 234 -24.58 4.75 15.92
CA CYS C 234 -24.45 3.30 15.72
C CYS C 234 -25.13 2.84 14.43
N LYS C 235 -26.33 3.33 14.14
CA LYS C 235 -27.12 2.86 13.01
C LYS C 235 -26.46 3.26 11.69
N THR C 236 -25.82 4.44 11.66
CA THR C 236 -25.03 4.82 10.51
C THR C 236 -23.86 3.86 10.23
N PHE C 237 -23.10 3.47 11.27
CA PHE C 237 -21.99 2.53 11.03
C PHE C 237 -22.56 1.16 10.62
N MET C 238 -23.76 0.87 11.08
CA MET C 238 -24.46 -0.38 10.69
C MET C 238 -24.91 -0.41 9.20
N VAL C 239 -24.96 0.75 8.57
CA VAL C 239 -25.15 0.74 7.13
C VAL C 239 -23.84 0.82 6.34
N THR C 240 -22.89 1.70 6.72
CA THR C 240 -21.71 1.93 5.90
C THR C 240 -20.65 0.81 6.03
N CYS C 241 -20.60 0.18 7.19
CA CYS C 241 -19.59 -0.84 7.43
C CYS C 241 -19.93 -1.93 8.47
N GLY C 242 -21.19 -2.32 8.61
CA GLY C 242 -21.55 -3.29 9.59
C GLY C 242 -21.42 -4.77 9.21
N MET C 243 -21.47 -5.09 7.92
CA MET C 243 -21.25 -6.47 7.46
C MET C 243 -19.84 -6.57 6.88
N TYR C 244 -18.84 -6.98 7.65
CA TYR C 244 -17.42 -7.04 7.15
C TYR C 244 -17.13 -7.41 5.69
N ASN C 245 -16.75 -6.43 4.87
CA ASN C 245 -16.50 -6.66 3.46
C ASN C 245 -17.71 -6.66 2.56
N SER C 246 -18.92 -6.62 3.11
CA SER C 246 -20.05 -6.73 2.21
C SER C 246 -21.22 -5.83 2.54
N SER C 247 -20.94 -4.71 3.19
CA SER C 247 -21.99 -3.77 3.57
C SER C 247 -22.69 -3.17 2.34
N GLY C 248 -21.98 -2.94 1.25
CA GLY C 248 -22.65 -2.42 0.06
C GLY C 248 -23.62 -3.41 -0.57
N GLU C 249 -23.17 -4.65 -0.73
CA GLU C 249 -24.01 -5.75 -1.19
C GLU C 249 -25.28 -5.97 -0.32
N PHE C 250 -25.11 -5.90 0.99
CA PHE C 250 -26.19 -6.07 1.93
C PHE C 250 -27.19 -4.94 1.79
N ALA C 251 -26.73 -3.70 1.66
CA ALA C 251 -27.60 -2.57 1.47
C ALA C 251 -28.45 -2.74 0.23
N ILE C 252 -27.91 -3.40 -0.80
CA ILE C 252 -28.66 -3.62 -2.06
C ILE C 252 -29.65 -4.79 -1.95
N LYS C 253 -29.20 -5.88 -1.38
CA LYS C 253 -30.01 -7.07 -1.24
C LYS C 253 -30.93 -7.12 -0.04
N VAL C 254 -30.68 -6.33 1.01
CA VAL C 254 -31.56 -6.35 2.20
C VAL C 254 -32.00 -4.95 2.58
N GLY C 255 -31.04 -4.05 2.79
CA GLY C 255 -31.36 -2.62 2.79
C GLY C 255 -31.68 -2.05 4.18
N ILE C 256 -31.17 -2.69 5.23
CA ILE C 256 -31.41 -2.23 6.63
C ILE C 256 -30.07 -2.15 7.37
N PRO C 257 -30.01 -1.29 8.43
CA PRO C 257 -28.86 -1.23 9.31
C PRO C 257 -28.68 -2.55 10.04
N ALA C 258 -27.51 -3.16 9.92
CA ALA C 258 -27.25 -4.45 10.50
C ALA C 258 -25.76 -4.54 10.84
N LYS C 259 -25.42 -5.34 11.84
CA LYS C 259 -24.07 -5.65 12.19
C LYS C 259 -23.90 -7.17 12.32
N SER C 260 -22.83 -7.72 11.76
CA SER C 260 -22.61 -9.15 11.85
C SER C 260 -21.41 -9.49 12.69
N GLY C 261 -21.32 -10.74 13.09
CA GLY C 261 -20.10 -11.30 13.70
C GLY C 261 -19.83 -12.73 13.25
N VAL C 262 -18.59 -13.19 13.44
CA VAL C 262 -18.14 -14.53 12.95
C VAL C 262 -18.73 -15.77 13.67
N SER C 263 -19.46 -15.56 14.77
CA SER C 263 -20.24 -16.64 15.41
C SER C 263 -21.54 -16.85 14.71
N GLY C 264 -21.84 -16.01 13.72
CA GLY C 264 -23.06 -16.14 12.97
C GLY C 264 -24.21 -15.22 13.31
N GLY C 265 -23.97 -14.21 14.14
CA GLY C 265 -25.02 -13.26 14.55
C GLY C 265 -25.20 -12.15 13.53
N ILE C 266 -26.45 -11.70 13.36
CA ILE C 266 -26.76 -10.46 12.73
C ILE C 266 -27.73 -9.73 13.65
N LEU C 267 -27.34 -8.52 14.03
CA LEU C 267 -28.18 -7.59 14.75
C LEU C 267 -28.70 -6.58 13.75
N ALA C 268 -30.01 -6.36 13.71
CA ALA C 268 -30.53 -5.36 12.76
C ALA C 268 -31.49 -4.41 13.45
N ALA C 269 -31.53 -3.17 12.98
CA ALA C 269 -32.37 -2.15 13.63
C ALA C 269 -33.04 -1.40 12.53
N VAL C 270 -34.31 -1.71 12.27
CA VAL C 270 -35.08 -1.06 11.16
C VAL C 270 -35.77 0.16 11.74
N PRO C 271 -35.26 1.39 11.41
CA PRO C 271 -35.62 2.62 12.13
C PRO C 271 -37.14 2.81 12.28
N GLY C 272 -37.61 3.00 13.52
CA GLY C 272 -39.04 3.16 13.78
C GLY C 272 -39.90 1.93 13.56
N ARG C 273 -39.31 0.78 13.25
CA ARG C 273 -40.11 -0.39 12.87
C ARG C 273 -39.89 -1.67 13.64
N CYS C 274 -38.65 -2.16 13.71
CA CYS C 274 -38.39 -3.39 14.47
C CYS C 274 -36.93 -3.62 14.80
N GLY C 275 -36.70 -4.53 15.72
CA GLY C 275 -35.34 -5.00 15.96
C GLY C 275 -35.34 -6.44 15.54
N ILE C 276 -34.21 -6.94 15.03
CA ILE C 276 -34.10 -8.32 14.57
C ILE C 276 -32.80 -8.87 15.06
N GLY C 277 -32.82 -10.08 15.61
CA GLY C 277 -31.59 -10.78 15.90
C GLY C 277 -31.67 -12.12 15.23
N VAL C 278 -30.58 -12.52 14.60
CA VAL C 278 -30.47 -13.79 13.92
C VAL C 278 -29.13 -14.38 14.37
N PHE C 279 -29.11 -15.69 14.57
CA PHE C 279 -27.89 -16.39 14.73
C PHE C 279 -27.93 -17.57 13.76
N GLY C 280 -26.93 -17.68 12.91
CA GLY C 280 -26.79 -18.78 11.93
C GLY C 280 -25.32 -18.99 11.74
N PRO C 281 -24.70 -19.93 12.50
CA PRO C 281 -23.24 -20.17 12.55
C PRO C 281 -22.52 -20.47 11.21
N ALA C 282 -23.24 -21.00 10.22
CA ALA C 282 -22.66 -21.30 8.84
C ALA C 282 -22.39 -20.01 8.09
N LEU C 283 -21.14 -19.65 7.94
CA LEU C 283 -20.81 -18.36 7.34
C LEU C 283 -20.50 -18.55 5.82
N ASP C 284 -20.74 -17.49 5.06
CA ASP C 284 -20.29 -17.36 3.69
C ASP C 284 -18.79 -17.01 3.66
N ASP C 285 -18.28 -16.88 2.43
CA ASP C 285 -16.85 -16.69 2.21
C ASP C 285 -16.37 -15.32 2.73
N LYS C 286 -17.31 -14.40 2.90
CA LYS C 286 -17.00 -13.08 3.33
C LYS C 286 -17.15 -12.92 4.83
N GLY C 287 -17.52 -14.00 5.55
CA GLY C 287 -17.52 -13.97 7.01
C GLY C 287 -18.82 -13.56 7.74
N ASN C 288 -19.89 -13.40 7.00
CA ASN C 288 -21.23 -13.12 7.52
C ASN C 288 -22.08 -14.40 7.39
N SER C 289 -23.10 -14.54 8.26
CA SER C 289 -23.95 -15.72 8.30
C SER C 289 -24.59 -15.88 6.94
N LEU C 290 -24.32 -17.01 6.31
CA LEU C 290 -24.96 -17.32 5.01
C LEU C 290 -26.46 -17.58 5.15
N THR C 291 -26.82 -18.52 6.02
CA THR C 291 -28.24 -18.80 6.39
C THR C 291 -28.93 -17.52 6.94
N GLY C 292 -28.23 -16.78 7.81
CA GLY C 292 -28.78 -15.51 8.30
C GLY C 292 -29.07 -14.41 7.30
N VAL C 293 -28.12 -14.11 6.41
CA VAL C 293 -28.39 -13.16 5.30
C VAL C 293 -29.51 -13.64 4.33
N LYS C 294 -29.54 -14.91 3.99
CA LYS C 294 -30.65 -15.42 3.12
C LYS C 294 -32.00 -15.22 3.78
N LEU C 295 -32.06 -15.45 5.09
CA LEU C 295 -33.29 -15.24 5.82
C LEU C 295 -33.68 -13.79 5.80
N LEU C 296 -32.72 -12.89 6.02
CA LEU C 296 -33.04 -11.47 6.03
C LEU C 296 -33.40 -10.97 4.64
N GLU C 297 -32.80 -11.53 3.59
CA GLU C 297 -33.19 -11.14 2.23
C GLU C 297 -34.66 -11.48 2.03
N ARG C 298 -35.09 -12.66 2.47
CA ARG C 298 -36.48 -13.04 2.29
C ARG C 298 -37.39 -12.12 3.13
N LEU C 299 -36.98 -11.88 4.38
CA LEU C 299 -37.77 -11.03 5.24
C LEU C 299 -37.92 -9.62 4.70
N SER C 300 -36.83 -9.05 4.24
CA SER C 300 -36.85 -7.68 3.70
C SER C 300 -37.78 -7.52 2.52
N LYS C 301 -37.73 -8.47 1.61
CA LYS C 301 -38.65 -8.53 0.47
C LYS C 301 -40.13 -8.62 0.93
N THR C 302 -40.42 -9.53 1.84
CA THR C 302 -41.78 -9.75 2.29
C THR C 302 -42.40 -8.58 3.02
N TYR C 303 -41.63 -7.97 3.93
CA TYR C 303 -42.13 -6.84 4.72
C TYR C 303 -41.69 -5.45 4.24
N SER C 304 -41.02 -5.43 3.08
CA SER C 304 -40.50 -4.18 2.51
C SER C 304 -39.68 -3.33 3.55
N LEU C 305 -38.62 -3.95 4.08
CA LEU C 305 -37.86 -3.35 5.19
C LEU C 305 -36.89 -2.29 4.73
N SER C 306 -36.52 -2.30 3.44
CA SER C 306 -35.44 -1.43 3.01
C SER C 306 -35.67 0.03 3.36
N ILE C 307 -34.65 0.63 3.95
CA ILE C 307 -34.65 2.09 4.18
C ILE C 307 -34.39 2.90 2.89
N ASN D 5 48.38 4.41 8.15
CA ASN D 5 48.99 5.60 8.86
C ASN D 5 48.23 6.07 10.14
N GLN D 6 48.80 5.81 11.31
CA GLN D 6 48.17 6.14 12.59
C GLN D 6 47.86 7.63 12.85
N GLU D 7 48.81 8.50 12.51
CA GLU D 7 48.66 9.94 12.77
C GLU D 7 47.63 10.60 11.86
N GLU D 8 47.62 10.18 10.61
CA GLU D 8 46.59 10.62 9.69
C GLU D 8 45.18 10.25 10.20
N LEU D 9 45.04 9.05 10.75
CA LEU D 9 43.72 8.59 11.19
C LEU D 9 43.21 9.46 12.34
N VAL D 10 44.12 9.92 13.22
CA VAL D 10 43.74 10.78 14.34
C VAL D 10 43.21 12.09 13.77
N ARG D 11 43.90 12.60 12.72
CA ARG D 11 43.50 13.84 12.05
C ARG D 11 42.13 13.70 11.37
N PHE D 12 41.90 12.57 10.71
CA PHE D 12 40.58 12.36 10.08
C PHE D 12 39.48 12.32 11.14
N VAL D 13 39.75 11.70 12.30
CA VAL D 13 38.75 11.63 13.37
C VAL D 13 38.39 13.05 13.87
N GLU D 14 39.41 13.87 14.14
CA GLU D 14 39.23 15.28 14.50
C GLU D 14 38.36 16.06 13.51
N GLU D 15 38.71 15.97 12.24
CA GLU D 15 37.89 16.53 11.15
C GLU D 15 36.44 16.02 11.21
N ALA D 16 36.25 14.70 11.36
CA ALA D 16 34.89 14.18 11.31
C ALA D 16 34.09 14.56 12.58
N LYS D 17 34.81 14.71 13.70
CA LYS D 17 34.18 15.16 14.94
C LYS D 17 33.51 16.53 14.85
N GLN D 18 34.00 17.39 13.96
CA GLN D 18 33.37 18.71 13.73
C GLN D 18 31.91 18.66 13.32
N TYR D 19 31.45 17.50 12.86
CA TYR D 19 30.11 17.37 12.33
C TYR D 19 29.15 16.95 13.40
N ALA D 20 29.69 16.60 14.57
CA ALA D 20 28.88 16.09 15.69
C ALA D 20 27.71 17.00 16.05
N ARG D 21 27.96 18.31 15.98
CA ARG D 21 26.94 19.32 16.30
C ARG D 21 25.70 19.26 15.41
N TYR D 22 25.86 18.71 14.21
CA TYR D 22 24.75 18.58 13.26
C TYR D 22 23.93 17.30 13.38
N GLY D 23 24.38 16.36 14.20
CA GLY D 23 23.66 15.09 14.37
C GLY D 23 22.99 15.01 15.74
N LYS D 24 22.42 13.86 16.06
CA LYS D 24 21.79 13.67 17.36
C LYS D 24 21.69 12.21 17.71
N VAL D 25 21.86 11.89 18.97
CA VAL D 25 21.83 10.48 19.37
C VAL D 25 20.43 9.97 19.33
N ALA D 26 20.30 8.66 19.11
CA ALA D 26 18.99 7.97 19.16
C ALA D 26 18.40 8.19 20.54
N ASP D 27 17.17 8.67 20.65
CA ASP D 27 16.60 8.80 21.99
C ASP D 27 15.38 7.91 22.21
N TYR D 28 14.93 7.21 21.17
CA TYR D 28 13.74 6.38 21.32
C TYR D 28 13.97 5.14 22.19
N ILE D 29 15.22 4.72 22.34
CA ILE D 29 15.61 3.75 23.36
C ILE D 29 16.35 4.55 24.43
N PRO D 30 15.70 4.74 25.58
CA PRO D 30 16.27 5.64 26.61
C PRO D 30 17.75 5.45 26.92
N ALA D 31 18.23 4.21 27.13
CA ALA D 31 19.67 3.94 27.42
C ALA D 31 20.58 4.51 26.30
N LEU D 32 20.07 4.56 25.08
CA LEU D 32 20.86 5.04 23.97
C LEU D 32 20.91 6.57 23.93
N GLY D 33 19.86 7.26 24.40
CA GLY D 33 19.83 8.73 24.46
C GLY D 33 20.89 9.30 25.39
N LYS D 34 21.52 8.44 26.17
CA LYS D 34 22.54 8.85 27.14
C LYS D 34 23.93 8.94 26.53
N ALA D 35 24.07 8.40 25.33
CA ALA D 35 25.34 8.46 24.55
C ALA D 35 25.84 9.90 24.30
N ASN D 36 27.16 10.03 24.20
CA ASN D 36 27.77 11.34 23.90
C ASN D 36 27.94 11.53 22.38
N PRO D 37 27.21 12.50 21.79
CA PRO D 37 27.27 12.74 20.33
C PRO D 37 28.65 13.14 19.87
N ASN D 38 29.50 13.55 20.80
CA ASN D 38 30.87 13.94 20.45
C ASN D 38 31.88 12.83 20.36
N GLU D 39 31.49 11.62 20.74
CA GLU D 39 32.45 10.50 20.67
C GLU D 39 32.50 10.04 19.23
N LEU D 40 33.68 9.61 18.80
CA LEU D 40 33.90 8.93 17.53
C LEU D 40 35.13 8.04 17.68
N SER D 41 35.02 6.76 17.30
CA SER D 41 36.19 5.87 17.31
C SER D 41 36.21 5.11 16.00
N ILE D 42 37.40 4.70 15.59
CA ILE D 42 37.57 3.89 14.41
C ILE D 42 38.74 2.96 14.59
N ALA D 43 38.60 1.75 14.08
CA ALA D 43 39.74 0.86 13.93
C ALA D 43 39.73 0.25 12.51
N ILE D 44 40.90 0.01 11.98
CA ILE D 44 41.05 -0.60 10.70
C ILE D 44 41.98 -1.80 10.87
N TYR D 45 41.45 -2.97 10.53
CA TYR D 45 42.15 -4.22 10.74
C TYR D 45 42.62 -4.67 9.36
N THR D 46 43.92 -4.88 9.20
CA THR D 46 44.47 -5.39 7.90
C THR D 46 44.81 -6.88 7.91
N PRO D 47 44.94 -7.51 6.73
CA PRO D 47 45.18 -8.95 6.58
C PRO D 47 46.53 -9.42 7.15
N ASP D 48 47.46 -8.49 7.38
CA ASP D 48 48.64 -8.82 8.17
C ASP D 48 48.33 -9.10 9.68
N ASP D 49 47.04 -9.12 10.02
CA ASP D 49 46.54 -9.20 11.39
C ASP D 49 46.99 -8.03 12.33
N GLU D 50 47.21 -6.85 11.74
CA GLU D 50 47.47 -5.65 12.53
C GLU D 50 46.27 -4.72 12.48
N VAL D 51 46.14 -3.91 13.52
CA VAL D 51 45.07 -2.95 13.64
C VAL D 51 45.61 -1.57 13.98
N VAL D 52 45.01 -0.55 13.36
CA VAL D 52 45.30 0.84 13.70
C VAL D 52 43.99 1.43 14.16
N SER D 53 44.08 2.36 15.08
CA SER D 53 42.87 2.92 15.65
C SER D 53 43.04 4.33 16.13
N ALA D 54 41.91 5.00 16.30
CA ALA D 54 41.89 6.41 16.72
C ALA D 54 40.58 6.80 17.37
N GLY D 55 40.62 7.82 18.22
CA GLY D 55 39.45 8.46 18.80
C GLY D 55 39.12 7.79 20.15
N ASP D 56 37.84 7.61 20.41
CA ASP D 56 37.36 7.12 21.71
C ASP D 56 37.30 5.57 21.79
N VAL D 57 38.47 4.96 21.71
CA VAL D 57 38.58 3.53 21.40
C VAL D 57 38.31 2.62 22.59
N THR D 58 38.17 3.19 23.80
CA THR D 58 37.88 2.31 24.96
C THR D 58 36.38 2.16 25.18
N VAL D 59 35.58 2.96 24.50
CA VAL D 59 34.13 2.97 24.68
C VAL D 59 33.49 1.73 24.02
N LYS D 60 32.76 0.94 24.83
CA LYS D 60 32.02 -0.19 24.30
C LYS D 60 30.68 0.28 23.85
N VAL D 61 30.32 -0.08 22.61
CA VAL D 61 29.06 0.38 22.03
C VAL D 61 28.26 -0.86 21.57
N THR D 62 26.93 -0.77 21.70
CA THR D 62 26.03 -1.85 21.28
C THR D 62 25.90 -1.96 19.74
N LEU D 63 25.68 -3.18 19.28
CA LEU D 63 25.67 -3.46 17.86
C LEU D 63 24.39 -2.92 17.20
N GLN D 64 23.26 -3.03 17.92
CA GLN D 64 21.97 -2.72 17.33
C GLN D 64 21.82 -3.54 16.04
N SER D 65 21.43 -2.91 14.94
CA SER D 65 21.21 -3.64 13.68
C SER D 65 22.41 -4.29 13.09
N ILE D 66 23.60 -3.90 13.54
CA ILE D 66 24.76 -4.60 13.03
C ILE D 66 24.63 -6.11 13.41
N SER D 67 23.98 -6.41 14.54
CA SER D 67 23.87 -7.80 15.03
C SER D 67 23.07 -8.64 14.01
N LYS D 68 22.32 -7.99 13.15
CA LYS D 68 21.48 -8.70 12.14
C LYS D 68 22.36 -9.46 11.15
N ILE D 69 23.50 -8.87 10.79
CA ILE D 69 24.47 -9.56 9.94
C ILE D 69 25.07 -10.81 10.58
N ILE D 70 25.42 -10.73 11.87
CA ILE D 70 25.98 -11.87 12.58
C ILE D 70 25.00 -13.04 12.72
N ALA D 71 23.77 -12.70 13.10
CA ALA D 71 22.72 -13.67 13.27
C ALA D 71 22.43 -14.34 11.94
N LEU D 72 22.36 -13.56 10.86
CA LEU D 72 22.16 -14.22 9.53
C LEU D 72 23.26 -15.21 9.20
N ALA D 73 24.52 -14.81 9.36
CA ALA D 73 25.67 -15.72 9.21
C ALA D 73 25.53 -16.98 10.02
N LEU D 74 25.15 -16.85 11.29
CA LEU D 74 25.02 -18.01 12.18
C LEU D 74 23.92 -18.99 11.70
N VAL D 75 22.79 -18.45 11.27
CA VAL D 75 21.67 -19.29 10.82
C VAL D 75 21.95 -19.90 9.44
N LEU D 76 22.64 -19.15 8.58
CA LEU D 76 23.12 -19.73 7.33
C LEU D 76 24.06 -20.90 7.56
N ILE D 77 25.01 -20.75 8.51
CA ILE D 77 25.92 -21.85 8.92
C ILE D 77 25.12 -23.07 9.44
N ASP D 78 24.25 -22.85 10.40
CA ASP D 78 23.49 -23.92 11.04
C ASP D 78 22.36 -24.54 10.17
N ARG D 79 21.66 -23.76 9.35
CA ARG D 79 20.52 -24.29 8.56
C ARG D 79 20.79 -24.45 7.06
N GLY D 80 21.82 -23.81 6.55
CA GLY D 80 22.04 -23.78 5.10
C GLY D 80 21.23 -22.71 4.36
N GLU D 81 21.81 -22.28 3.24
CA GLU D 81 21.30 -21.30 2.30
C GLU D 81 19.87 -21.61 1.87
N ASP D 82 19.62 -22.89 1.68
CA ASP D 82 18.36 -23.35 1.13
C ASP D 82 17.21 -23.07 2.04
N GLU D 83 17.29 -23.51 3.29
CA GLU D 83 16.21 -23.28 4.23
C GLU D 83 16.10 -21.80 4.60
N VAL D 84 17.23 -21.09 4.66
CA VAL D 84 17.18 -19.68 5.09
C VAL D 84 16.36 -18.83 4.10
N PHE D 85 16.70 -18.96 2.83
CA PHE D 85 16.01 -18.18 1.84
C PHE D 85 14.67 -18.72 1.36
N HIS D 86 14.15 -19.71 2.08
CA HIS D 86 12.74 -20.11 2.03
C HIS D 86 12.03 -19.35 3.17
N LYS D 87 12.74 -18.95 4.23
CA LYS D 87 12.11 -18.14 5.29
C LYS D 87 12.17 -16.60 5.07
N VAL D 88 13.29 -16.11 4.56
CA VAL D 88 13.52 -14.65 4.39
C VAL D 88 13.93 -14.41 2.93
N GLY D 89 13.91 -13.17 2.49
CA GLY D 89 14.15 -12.88 1.10
C GLY D 89 15.59 -12.53 0.86
N MET D 90 15.94 -12.45 -0.41
CA MET D 90 17.23 -11.98 -0.87
C MET D 90 17.20 -10.55 -1.37
N GLU D 91 16.04 -9.92 -1.42
CA GLU D 91 15.92 -8.66 -2.16
C GLU D 91 15.84 -7.41 -1.26
N PRO D 92 16.58 -6.34 -1.64
CA PRO D 92 16.45 -5.07 -0.95
C PRO D 92 15.03 -4.58 -1.04
N LEU D 111 10.53 -11.54 3.29
CA LEU D 111 10.97 -10.40 4.08
C LEU D 111 12.49 -10.43 4.15
N ASN D 112 13.08 -9.28 3.89
CA ASN D 112 14.52 -9.16 3.89
C ASN D 112 15.11 -9.27 5.32
N PRO D 113 16.20 -9.98 5.50
CA PRO D 113 16.77 -10.17 6.86
C PRO D 113 17.43 -8.93 7.51
N MET D 114 17.52 -7.80 6.79
CA MET D 114 18.11 -6.58 7.30
C MET D 114 17.02 -5.66 7.85
N ILE D 115 15.77 -5.88 7.50
CA ILE D 115 14.70 -5.07 8.08
C ILE D 115 14.24 -5.76 9.35
N ASN D 116 13.62 -5.02 10.26
CA ASN D 116 13.21 -5.60 11.55
C ASN D 116 12.35 -6.86 11.43
N ALA D 117 11.37 -6.87 10.54
CA ALA D 117 10.50 -8.05 10.41
C ALA D 117 11.30 -9.31 9.96
N GLY D 118 12.16 -9.21 8.92
CA GLY D 118 13.07 -10.30 8.47
C GLY D 118 14.11 -10.72 9.53
N ALA D 119 14.66 -9.74 10.25
CA ALA D 119 15.67 -10.03 11.27
C ALA D 119 15.06 -10.85 12.43
N LEU D 120 13.80 -10.57 12.79
CA LEU D 120 13.12 -11.28 13.88
C LEU D 120 12.88 -12.73 13.43
N VAL D 121 12.60 -12.93 12.15
CA VAL D 121 12.51 -14.29 11.61
C VAL D 121 13.84 -14.99 11.73
N VAL D 122 14.93 -14.35 11.32
CA VAL D 122 16.27 -14.93 11.41
C VAL D 122 16.58 -15.29 12.89
N THR D 123 16.35 -14.34 13.80
CA THR D 123 16.57 -14.59 15.25
C THR D 123 15.77 -15.80 15.78
N SER D 124 14.52 -15.93 15.37
CA SER D 124 13.69 -17.08 15.74
C SER D 124 14.22 -18.43 15.24
N MET D 125 15.15 -18.39 14.29
CA MET D 125 15.75 -19.58 13.71
C MET D 125 17.00 -19.99 14.44
N ILE D 126 17.51 -19.13 15.36
CA ILE D 126 18.72 -19.52 16.10
C ILE D 126 18.40 -20.75 17.01
N GLN D 127 19.23 -21.80 16.87
CA GLN D 127 19.06 -23.07 17.62
C GLN D 127 19.40 -22.99 19.08
N GLY D 128 18.68 -23.79 19.87
CA GLY D 128 18.88 -23.85 21.32
C GLY D 128 17.56 -23.97 22.03
N GLY D 129 17.58 -24.54 23.22
CA GLY D 129 16.32 -24.90 23.87
C GLY D 129 15.74 -23.83 24.76
N SER D 130 16.48 -22.73 24.91
CA SER D 130 16.04 -21.66 25.81
C SER D 130 16.64 -20.38 25.29
N VAL D 131 16.20 -19.23 25.79
CA VAL D 131 16.81 -17.94 25.37
C VAL D 131 18.30 -17.97 25.66
N SER D 132 18.65 -18.44 26.85
CA SER D 132 20.05 -18.49 27.30
C SER D 132 20.92 -19.27 26.34
N GLU D 133 20.46 -20.44 25.92
CA GLU D 133 21.25 -21.30 25.05
C GLU D 133 21.35 -20.65 23.67
N ARG D 134 20.27 -20.00 23.21
CA ARG D 134 20.25 -19.47 21.85
C ARG D 134 21.15 -18.23 21.85
N LEU D 135 21.05 -17.43 22.89
CA LEU D 135 21.93 -16.25 23.01
C LEU D 135 23.41 -16.65 23.04
N GLU D 136 23.76 -17.69 23.81
CA GLU D 136 25.14 -18.17 23.88
C GLU D 136 25.69 -18.71 22.54
N ARG D 137 24.84 -19.30 21.76
CA ARG D 137 25.30 -19.69 20.44
C ARG D 137 25.75 -18.44 19.66
N LEU D 138 24.97 -17.37 19.72
CA LEU D 138 25.32 -16.16 19.01
C LEU D 138 26.55 -15.48 19.63
N LEU D 139 26.61 -15.34 20.97
CA LEU D 139 27.82 -14.82 21.64
C LEU D 139 29.09 -15.61 21.37
N ALA D 140 29.02 -16.96 21.42
CA ALA D 140 30.18 -17.80 21.17
C ALA D 140 30.67 -17.51 19.74
N PHE D 141 29.74 -17.31 18.81
CA PHE D 141 30.08 -17.03 17.40
C PHE D 141 30.72 -15.63 17.23
N VAL D 142 30.12 -14.63 17.86
CA VAL D 142 30.70 -13.26 17.94
C VAL D 142 32.11 -13.24 18.55
N ARG D 143 32.29 -13.98 19.64
CA ARG D 143 33.60 -14.07 20.32
C ARG D 143 34.66 -14.61 19.38
N ARG D 144 34.30 -15.62 18.61
CA ARG D 144 35.23 -16.22 17.62
C ARG D 144 35.57 -15.23 16.49
N LEU D 145 34.56 -14.56 15.94
CA LEU D 145 34.77 -13.56 14.86
C LEU D 145 35.63 -12.42 15.33
N ALA D 146 35.33 -11.88 16.52
CA ALA D 146 36.06 -10.78 17.11
C ALA D 146 37.41 -11.12 17.67
N GLY D 147 37.66 -12.41 17.87
CA GLY D 147 38.91 -12.86 18.53
C GLY D 147 38.97 -12.35 19.95
N ASN D 148 37.80 -12.28 20.59
CA ASN D 148 37.71 -11.80 21.97
C ASN D 148 36.62 -12.54 22.77
N GLU D 149 37.05 -13.50 23.59
CA GLU D 149 36.14 -14.30 24.42
C GLU D 149 35.45 -13.49 25.53
N ARG D 150 35.79 -12.24 25.71
CA ARG D 150 35.20 -11.48 26.80
C ARG D 150 33.95 -10.70 26.42
N ILE D 151 33.57 -10.75 25.15
CA ILE D 151 32.38 -10.06 24.71
C ILE D 151 31.07 -10.59 25.32
N SER D 152 30.27 -9.67 25.85
CA SER D 152 28.90 -9.91 26.28
C SER D 152 27.97 -8.80 25.78
N TYR D 153 26.80 -8.71 26.39
CA TYR D 153 25.81 -7.69 26.09
C TYR D 153 25.62 -6.74 27.27
N SER D 154 25.10 -5.55 26.94
CA SER D 154 24.72 -4.55 27.90
C SER D 154 23.37 -4.86 28.51
N ASP D 155 23.35 -5.20 29.79
CA ASP D 155 22.09 -5.49 30.41
C ASP D 155 21.19 -4.25 30.50
N GLU D 156 21.78 -3.11 30.75
CA GLU D 156 21.07 -1.86 30.83
C GLU D 156 20.34 -1.56 29.50
N VAL D 157 21.09 -1.68 28.38
CA VAL D 157 20.54 -1.46 27.04
C VAL D 157 19.49 -2.50 26.73
N ALA D 158 19.77 -3.77 26.99
CA ALA D 158 18.76 -4.84 26.68
C ALA D 158 17.42 -4.53 27.40
N ARG D 159 17.50 -4.16 28.66
CA ARG D 159 16.32 -3.91 29.44
C ARG D 159 15.52 -2.67 28.97
N SER D 160 16.22 -1.58 28.66
CA SER D 160 15.64 -0.36 28.09
C SER D 160 14.94 -0.68 26.76
N GLU D 161 15.57 -1.51 25.94
CA GLU D 161 14.93 -1.95 24.69
C GLU D 161 13.66 -2.72 25.02
N PHE D 162 13.77 -3.70 25.94
CA PHE D 162 12.70 -4.72 26.14
C PHE D 162 11.45 -4.06 26.73
N GLU D 163 11.67 -3.00 27.52
CA GLU D 163 10.62 -2.32 28.27
C GLU D 163 9.71 -1.52 27.34
N THR D 164 10.22 -1.15 26.15
CA THR D 164 9.48 -0.27 25.25
C THR D 164 9.45 -0.56 23.75
N ALA D 165 9.72 -1.82 23.40
CA ALA D 165 9.82 -2.19 22.00
C ALA D 165 8.42 -2.52 21.40
N PHE D 166 7.54 -1.53 21.26
CA PHE D 166 6.17 -1.83 20.87
C PHE D 166 6.07 -2.28 19.42
N LEU D 167 6.83 -1.63 18.55
CA LEU D 167 6.78 -1.92 17.13
C LEU D 167 7.37 -3.30 16.81
N ASN D 168 8.48 -3.67 17.44
CA ASN D 168 8.95 -5.01 17.29
C ASN D 168 8.02 -6.10 17.85
N ARG D 169 7.35 -5.84 18.95
CA ARG D 169 6.31 -6.75 19.45
C ARG D 169 5.11 -6.82 18.52
N SER D 170 4.71 -5.67 17.97
CA SER D 170 3.73 -5.66 16.87
C SER D 170 4.17 -6.59 15.71
N LEU D 171 5.42 -6.49 15.30
CA LEU D 171 5.96 -7.35 14.23
C LEU D 171 6.00 -8.83 14.60
N CYS D 172 6.39 -9.17 15.84
CA CYS D 172 6.32 -10.58 16.32
C CYS D 172 4.91 -11.18 16.22
N TYR D 173 3.90 -10.46 16.71
CA TYR D 173 2.52 -10.95 16.53
C TYR D 173 2.06 -11.04 15.08
N PHE D 174 2.50 -10.09 14.27
CA PHE D 174 2.23 -10.16 12.86
C PHE D 174 2.79 -11.45 12.27
N LEU D 175 4.04 -11.79 12.62
CA LEU D 175 4.71 -12.99 12.10
C LEU D 175 4.04 -14.31 12.61
N LYS D 176 3.58 -14.31 13.85
CA LYS D 176 2.78 -15.42 14.42
C LYS D 176 1.43 -15.61 13.74
N GLN D 177 0.66 -14.52 13.69
CA GLN D 177 -0.60 -14.49 13.00
C GLN D 177 -0.51 -15.18 11.63
N HIS D 178 0.56 -14.88 10.89
CA HIS D 178 0.74 -15.43 9.55
C HIS D 178 1.59 -16.69 9.51
N ARG D 179 1.79 -17.35 10.64
CA ARG D 179 2.44 -18.64 10.69
C ARG D 179 3.94 -18.63 10.24
N ILE D 180 4.56 -17.44 10.25
CA ILE D 180 5.94 -17.33 9.75
C ILE D 180 6.89 -17.79 10.85
N ILE D 181 6.48 -17.59 12.09
CA ILE D 181 7.20 -18.07 13.23
C ILE D 181 6.11 -18.69 14.12
N ASP D 182 6.51 -19.65 14.95
CA ASP D 182 5.71 -20.13 16.08
C ASP D 182 6.64 -20.10 17.27
N GLU D 183 7.05 -18.92 17.68
CA GLU D 183 7.78 -18.76 18.92
C GLU D 183 6.85 -18.02 19.91
N ASP D 184 7.08 -18.23 21.19
CA ASP D 184 6.59 -17.32 22.19
C ASP D 184 7.22 -15.91 21.95
N VAL D 185 6.38 -14.87 21.86
CA VAL D 185 6.81 -13.51 21.56
C VAL D 185 7.71 -12.95 22.64
N GLU D 186 7.35 -13.15 23.91
CA GLU D 186 8.26 -12.65 24.93
C GLU D 186 9.65 -13.29 24.93
N GLU D 187 9.74 -14.59 24.64
CA GLU D 187 11.02 -15.28 24.57
C GLU D 187 11.83 -14.76 23.37
N LEU D 188 11.16 -14.61 22.22
CA LEU D 188 11.84 -14.07 21.03
C LEU D 188 12.31 -12.64 21.24
N MET D 189 11.51 -11.84 21.92
CA MET D 189 11.92 -10.46 22.22
C MET D 189 13.07 -10.42 23.23
N GLU D 190 13.08 -11.33 24.21
CA GLU D 190 14.22 -11.44 25.11
C GLU D 190 15.55 -11.68 24.32
N LEU D 191 15.55 -12.69 23.50
CA LEU D 191 16.70 -12.99 22.64
C LEU D 191 17.09 -11.77 21.76
N TYR D 192 16.10 -11.25 21.04
CA TYR D 192 16.36 -10.17 20.07
C TYR D 192 16.97 -8.92 20.71
N THR D 193 16.40 -8.49 21.83
CA THR D 193 16.90 -7.34 22.53
C THR D 193 18.28 -7.60 23.05
N LYS D 194 18.55 -8.80 23.53
CA LYS D 194 19.89 -9.15 23.99
C LYS D 194 20.87 -9.20 22.82
N GLN D 195 20.44 -9.81 21.72
CA GLN D 195 21.24 -9.78 20.51
C GLN D 195 21.62 -8.33 20.11
N CYS D 196 20.64 -7.41 20.12
CA CYS D 196 20.91 -6.02 19.75
C CYS D 196 21.83 -5.30 20.75
N ALA D 197 21.83 -5.78 21.99
CA ALA D 197 22.65 -5.24 23.07
C ALA D 197 24.04 -5.80 23.23
N ILE D 198 24.48 -6.71 22.34
CA ILE D 198 25.86 -7.17 22.31
C ILE D 198 26.77 -5.95 22.09
N GLU D 199 27.81 -5.80 22.92
CA GLU D 199 28.56 -4.53 22.88
C GLU D 199 30.05 -4.84 22.76
N MET D 200 30.76 -4.00 22.01
CA MET D 200 32.19 -4.17 21.87
C MET D 200 32.82 -2.83 21.48
N THR D 201 34.15 -2.77 21.45
CA THR D 201 34.82 -1.54 21.04
C THR D 201 34.98 -1.58 19.54
N CYS D 202 35.39 -0.46 18.94
CA CYS D 202 35.63 -0.41 17.48
C CYS D 202 36.71 -1.41 16.98
N ILE D 203 37.71 -1.69 17.82
CA ILE D 203 38.70 -2.72 17.53
C ILE D 203 38.13 -4.12 17.32
N ASP D 204 37.29 -4.60 18.23
CA ASP D 204 36.60 -5.89 18.03
C ASP D 204 35.73 -5.91 16.76
N LEU D 205 35.06 -4.78 16.50
CA LEU D 205 34.14 -4.67 15.40
C LEU D 205 34.90 -4.69 14.06
N ALA D 206 36.05 -4.00 13.98
CA ALA D 206 36.90 -4.11 12.79
C ALA D 206 37.45 -5.53 12.54
N ARG D 207 37.74 -6.29 13.60
CA ARG D 207 38.23 -7.65 13.39
C ARG D 207 37.14 -8.49 12.77
N ILE D 208 35.89 -8.31 13.21
CA ILE D 208 34.74 -8.97 12.54
C ILE D 208 34.67 -8.58 11.05
N GLY D 209 34.86 -7.28 10.72
CA GLY D 209 34.87 -6.84 9.35
C GLY D 209 35.98 -7.49 8.57
N LEU D 210 37.11 -7.68 9.22
CA LEU D 210 38.27 -8.34 8.59
C LEU D 210 38.01 -9.81 8.25
N VAL D 211 37.34 -10.54 9.15
CA VAL D 211 36.95 -11.95 8.84
C VAL D 211 36.08 -12.01 7.54
N LEU D 212 35.07 -11.14 7.50
CA LEU D 212 34.23 -10.97 6.29
C LEU D 212 35.03 -10.57 5.04
N ALA D 213 35.85 -9.52 5.15
CA ALA D 213 36.74 -9.10 4.06
C ALA D 213 37.64 -10.24 3.55
N LEU D 214 38.00 -11.19 4.42
CA LEU D 214 38.90 -12.29 4.06
C LEU D 214 38.10 -13.54 3.76
N ASP D 215 36.84 -13.36 3.38
CA ASP D 215 35.92 -14.47 3.02
C ASP D 215 35.77 -15.56 4.06
N GLY D 216 35.68 -15.15 5.33
CA GLY D 216 35.41 -16.12 6.43
C GLY D 216 36.64 -16.63 7.18
N ARG D 217 37.82 -16.22 6.74
CA ARG D 217 39.07 -16.75 7.30
C ARG D 217 39.57 -16.00 8.55
N ASP D 218 40.01 -16.77 9.55
CA ASP D 218 40.59 -16.19 10.77
C ASP D 218 41.94 -15.58 10.38
N PRO D 219 42.16 -14.29 10.70
CA PRO D 219 43.39 -13.65 10.21
C PRO D 219 44.67 -14.08 10.92
N HIS D 220 44.54 -14.77 12.04
CA HIS D 220 45.72 -15.27 12.73
C HIS D 220 45.94 -16.70 12.27
N SER D 221 44.95 -17.57 12.50
CA SER D 221 45.09 -19.02 12.27
C SER D 221 44.71 -19.55 10.87
N SER D 222 44.16 -18.68 10.03
CA SER D 222 43.52 -19.06 8.76
C SER D 222 42.37 -20.06 8.86
N GLU D 223 41.85 -20.32 10.07
CA GLU D 223 40.71 -21.23 10.22
C GLU D 223 39.49 -20.61 9.56
N PRO D 224 38.68 -21.42 8.85
CA PRO D 224 37.49 -20.76 8.34
C PRO D 224 36.49 -20.61 9.49
N LEU D 225 36.27 -19.38 9.94
CA LEU D 225 35.27 -19.08 10.95
C LEU D 225 33.85 -19.17 10.42
N MET D 226 33.72 -18.98 9.11
CA MET D 226 32.46 -19.22 8.39
C MET D 226 32.81 -19.61 6.96
N PRO D 227 31.93 -20.34 6.30
CA PRO D 227 32.19 -20.68 4.89
C PRO D 227 32.29 -19.41 4.03
N LEU D 228 33.08 -19.52 2.98
CA LEU D 228 33.22 -18.49 1.97
C LEU D 228 31.86 -18.03 1.45
N ASP D 229 30.92 -18.96 1.17
CA ASP D 229 29.59 -18.58 0.65
C ASP D 229 28.83 -17.73 1.65
N VAL D 230 29.08 -17.96 2.96
CA VAL D 230 28.31 -17.22 3.96
C VAL D 230 28.82 -15.76 4.05
N ALA D 231 30.13 -15.58 4.08
CA ALA D 231 30.79 -14.25 4.09
C ALA D 231 30.39 -13.42 2.88
N ARG D 232 30.35 -14.06 1.70
CA ARG D 232 29.90 -13.42 0.47
C ARG D 232 28.46 -12.94 0.57
N ILE D 233 27.57 -13.82 1.03
CA ILE D 233 26.17 -13.48 1.20
C ILE D 233 25.93 -12.24 2.15
N CYS D 234 26.58 -12.27 3.30
CA CYS D 234 26.64 -11.12 4.24
C CYS D 234 27.08 -9.81 3.56
N LYS D 235 28.22 -9.85 2.83
CA LYS D 235 28.73 -8.66 2.17
C LYS D 235 27.75 -8.16 1.11
N THR D 236 26.97 -9.06 0.49
CA THR D 236 26.02 -8.59 -0.52
C THR D 236 24.88 -7.78 0.13
N PHE D 237 24.32 -8.26 1.24
CA PHE D 237 23.31 -7.50 1.98
C PHE D 237 23.88 -6.20 2.49
N MET D 238 25.17 -6.19 2.83
CA MET D 238 25.84 -4.98 3.30
C MET D 238 25.97 -3.91 2.18
N VAL D 239 25.94 -4.31 0.92
CA VAL D 239 25.96 -3.34 -0.15
C VAL D 239 24.53 -2.93 -0.55
N THR D 240 23.61 -3.91 -0.61
CA THR D 240 22.27 -3.61 -1.11
C THR D 240 21.35 -2.92 -0.11
N CYS D 241 21.54 -3.20 1.18
CA CYS D 241 20.63 -2.66 2.18
C CYS D 241 21.20 -2.65 3.57
N GLY D 242 22.48 -2.32 3.71
CA GLY D 242 23.13 -2.32 5.04
C GLY D 242 23.07 -1.00 5.80
N MET D 243 22.79 0.06 5.10
CA MET D 243 22.89 1.38 5.69
C MET D 243 21.52 1.97 5.92
N TYR D 244 20.67 1.24 6.62
CA TYR D 244 19.29 1.65 6.90
C TYR D 244 18.43 1.87 5.63
N ASN D 245 18.12 3.14 5.35
CA ASN D 245 17.37 3.54 4.17
C ASN D 245 18.22 4.39 3.24
N SER D 246 19.53 4.34 3.36
CA SER D 246 20.30 5.14 2.49
C SER D 246 21.47 4.33 1.92
N SER D 247 21.22 3.07 1.57
CA SER D 247 22.30 2.22 1.09
C SER D 247 22.81 2.66 -0.31
N GLY D 248 21.88 3.08 -1.18
CA GLY D 248 22.21 3.55 -2.52
C GLY D 248 23.09 4.78 -2.50
N GLU D 249 22.72 5.78 -1.72
CA GLU D 249 23.61 6.94 -1.49
C GLU D 249 24.98 6.57 -0.91
N PHE D 250 25.04 5.63 0.03
CA PHE D 250 26.34 5.25 0.64
C PHE D 250 27.26 4.55 -0.40
N ALA D 251 26.65 3.74 -1.26
CA ALA D 251 27.39 3.11 -2.33
C ALA D 251 28.02 4.17 -3.25
N ILE D 252 27.32 5.27 -3.45
CA ILE D 252 27.80 6.35 -4.32
C ILE D 252 28.90 7.14 -3.60
N LYS D 253 28.67 7.44 -2.33
CA LYS D 253 29.52 8.37 -1.60
C LYS D 253 30.74 7.71 -0.95
N VAL D 254 30.63 6.40 -0.65
CA VAL D 254 31.69 5.65 -0.01
C VAL D 254 32.05 4.38 -0.79
N GLY D 255 31.08 3.53 -1.11
CA GLY D 255 31.35 2.43 -2.09
C GLY D 255 31.92 1.13 -1.53
N ILE D 256 31.68 0.87 -0.23
CA ILE D 256 32.13 -0.37 0.47
C ILE D 256 30.96 -1.13 1.16
N PRO D 257 31.07 -2.48 1.30
CA PRO D 257 30.09 -3.22 2.09
C PRO D 257 30.07 -2.68 3.52
N ALA D 258 28.97 -2.10 3.95
CA ALA D 258 28.87 -1.63 5.35
C ALA D 258 27.50 -1.93 5.95
N LYS D 259 27.45 -2.05 7.28
CA LYS D 259 26.23 -2.25 8.00
C LYS D 259 26.18 -1.24 9.16
N SER D 260 25.09 -0.52 9.28
CA SER D 260 24.99 0.41 10.39
C SER D 260 23.99 0.02 11.48
N GLY D 261 24.05 0.71 12.62
CA GLY D 261 23.02 0.67 13.64
C GLY D 261 22.88 2.03 14.33
N VAL D 262 21.75 2.23 15.00
CA VAL D 262 21.34 3.55 15.55
C VAL D 262 22.07 3.92 16.84
N SER D 263 22.86 2.99 17.38
CA SER D 263 23.81 3.29 18.47
C SER D 263 25.00 3.98 17.89
N GLY D 264 25.07 4.14 16.56
CA GLY D 264 26.16 4.88 15.92
C GLY D 264 27.26 3.99 15.29
N GLY D 265 27.10 2.68 15.29
CA GLY D 265 28.12 1.77 14.74
C GLY D 265 28.05 1.64 13.22
N ILE D 266 29.18 1.37 12.60
CA ILE D 266 29.21 1.06 11.16
C ILE D 266 30.27 -0.02 11.07
N LEU D 267 29.89 -1.20 10.60
CA LEU D 267 30.83 -2.28 10.41
C LEU D 267 31.09 -2.28 8.92
N ALA D 268 32.34 -2.24 8.46
CA ALA D 268 32.58 -2.36 7.03
C ALA D 268 33.63 -3.44 6.72
N ALA D 269 33.44 -4.10 5.57
CA ALA D 269 34.30 -5.15 5.09
C ALA D 269 34.69 -4.83 3.65
N VAL D 270 35.92 -4.35 3.44
CA VAL D 270 36.48 -4.07 2.10
C VAL D 270 37.16 -5.33 1.58
N PRO D 271 36.52 -6.06 0.59
CA PRO D 271 36.89 -7.44 0.16
C PRO D 271 38.37 -7.55 -0.14
N GLY D 272 39.02 -8.51 0.49
CA GLY D 272 40.48 -8.70 0.40
C GLY D 272 41.37 -7.62 0.98
N ARG D 273 40.81 -6.59 1.60
CA ARG D 273 41.65 -5.45 2.03
C ARG D 273 41.69 -5.05 3.56
N CYS D 274 40.55 -4.85 4.22
CA CYS D 274 40.55 -4.49 5.64
C CYS D 274 39.16 -4.62 6.19
N GLY D 275 39.08 -4.73 7.53
CA GLY D 275 37.85 -4.68 8.24
C GLY D 275 37.89 -3.29 8.87
N ILE D 276 36.74 -2.65 8.94
CA ILE D 276 36.66 -1.33 9.55
C ILE D 276 35.52 -1.34 10.51
N GLY D 277 35.76 -0.71 11.66
CA GLY D 277 34.77 -0.60 12.72
C GLY D 277 34.72 0.84 13.17
N VAL D 278 33.54 1.45 13.07
CA VAL D 278 33.34 2.81 13.50
C VAL D 278 32.19 2.89 14.47
N PHE D 279 32.32 3.68 15.53
CA PHE D 279 31.18 4.08 16.38
C PHE D 279 31.17 5.60 16.54
N GLY D 280 30.07 6.24 16.19
CA GLY D 280 29.89 7.70 16.33
C GLY D 280 28.41 7.93 16.62
N PRO D 281 28.04 8.04 17.90
CA PRO D 281 26.61 8.08 18.31
C PRO D 281 25.74 9.16 17.70
N ALA D 282 26.35 10.22 17.20
CA ALA D 282 25.57 11.33 16.59
C ALA D 282 25.08 10.91 15.19
N LEU D 283 23.78 10.63 15.09
CA LEU D 283 23.15 10.17 13.85
C LEU D 283 22.69 11.35 12.99
N ASP D 284 22.67 11.13 11.68
CA ASP D 284 21.98 11.98 10.72
C ASP D 284 20.49 11.76 10.75
N ASP D 285 19.73 12.56 10.01
CA ASP D 285 18.25 12.46 10.02
C ASP D 285 17.71 11.14 9.46
N LYS D 286 18.55 10.45 8.68
CA LYS D 286 18.24 9.11 8.18
C LYS D 286 18.71 7.92 9.07
N GLY D 287 19.12 8.15 10.31
CA GLY D 287 19.46 7.07 11.28
C GLY D 287 20.85 6.39 11.21
N ASN D 288 21.79 6.98 10.46
CA ASN D 288 23.16 6.49 10.33
C ASN D 288 24.09 7.48 10.99
N SER D 289 25.23 7.00 11.51
CA SER D 289 26.22 7.87 12.22
C SER D 289 26.61 8.93 11.24
N LEU D 290 26.38 10.18 11.61
CA LEU D 290 26.73 11.34 10.76
C LEU D 290 28.22 11.47 10.77
N THR D 291 28.78 11.46 11.97
CA THR D 291 30.23 11.60 12.16
C THR D 291 30.96 10.40 11.50
N GLY D 292 30.42 9.20 11.66
CA GLY D 292 31.10 8.11 11.06
C GLY D 292 31.09 7.86 9.55
N VAL D 293 29.93 8.01 8.91
CA VAL D 293 29.86 8.52 7.50
C VAL D 293 30.84 9.50 6.88
N LYS D 294 30.91 10.72 7.45
CA LYS D 294 31.91 11.71 7.04
C LYS D 294 33.32 11.11 7.08
N LEU D 295 33.62 10.36 8.14
CA LEU D 295 34.91 9.74 8.29
C LEU D 295 35.15 8.72 7.20
N LEU D 296 34.17 7.84 6.93
CA LEU D 296 34.32 6.81 5.90
C LEU D 296 34.40 7.43 4.51
N GLU D 297 33.69 8.54 4.28
CA GLU D 297 33.85 9.26 3.00
C GLU D 297 35.31 9.78 2.78
N ARG D 298 35.93 10.35 3.81
CA ARG D 298 37.35 10.76 3.76
C ARG D 298 38.28 9.56 3.53
N LEU D 299 38.07 8.48 4.31
CA LEU D 299 38.93 7.34 4.21
C LEU D 299 38.82 6.67 2.86
N SER D 300 37.59 6.55 2.38
CA SER D 300 37.35 5.89 1.12
C SER D 300 38.01 6.66 -0.06
N LYS D 301 37.92 7.99 -0.02
CA LYS D 301 38.63 8.85 -1.01
C LYS D 301 40.14 8.71 -0.89
N THR D 302 40.68 8.81 0.34
CA THR D 302 42.13 8.76 0.59
C THR D 302 42.78 7.44 0.18
N TYR D 303 42.11 6.32 0.44
CA TYR D 303 42.71 5.04 0.16
C TYR D 303 42.08 4.29 -0.99
N SER D 304 41.25 4.94 -1.79
CA SER D 304 40.56 4.32 -2.93
C SER D 304 39.80 3.01 -2.57
N LEU D 305 38.96 3.05 -1.54
CA LEU D 305 38.28 1.85 -1.04
C LEU D 305 37.09 1.32 -1.86
N SER D 306 36.48 2.21 -2.65
CA SER D 306 35.30 1.81 -3.40
C SER D 306 35.53 0.58 -4.22
N ILE D 307 34.57 -0.32 -4.17
CA ILE D 307 34.58 -1.58 -4.92
C ILE D 307 33.91 -1.45 -6.30
N PHE D 308 33.37 -0.26 -6.59
CA PHE D 308 32.64 0.00 -7.86
C PHE D 308 33.54 0.54 -9.00
#